data_6S9F
#
_entry.id   6S9F
#
_cell.length_a   80.975
_cell.length_b   189.909
_cell.length_c   131.906
_cell.angle_alpha   90.000
_cell.angle_beta   90.000
_cell.angle_gamma   90.000
#
_symmetry.space_group_name_H-M   'C 2 2 21'
#
loop_
_entity.id
_entity.type
_entity.pdbx_description
1 polymer 'Tyrosine-protein kinase-like otk'
2 non-polymer 2-acetamido-2-deoxy-beta-D-glucopyranose
3 non-polymer 'SULFATE ION'
4 water water
#
_entity_poly.entity_id   1
_entity_poly.type   'polypeptide(L)'
_entity_poly.pdbx_seq_one_letter_code
;ETGSSRFQRVPQSQSVVENESVKFECESTDSYSELHYDWLHNGHRIAYDKRVHQIGSNLHIEAVRRTEDVGNYVCIATNL
ASGAREASPPAKLSVIYLESASVQLLGSNRNELLLKCHVEGASGDLEPLEIEWYRNSEKLSTWKNVQLDQHRLIIRQPGS
EDDGLYRCTASNAAGRVMSKQGYVYQSSVKCLPRLPRRKNEKMMESWDKQTFLCRGKRGGAAGLEALPAAPEDLRIVQGP
IGQSIIKEGEPTALTCLYELPDELKNQRIQLRWRKDGKLLRQVELGGSAPIPGHSFDSGKDALLREDARLVLHKQNGTLS
FASIIASDAGQYQCQLQLEAHAPINSSPGILEVIEQLKFVPQPTSKNLELDAVVAKVHCKAQGTPTPQVQWVRDGENTTL
PDHVEVDANGTLIFRNVNSEHRGNYTCLATNSQGQINATVAINVVVTPKFSVPPVGPIETSEQGTVVMHCQAIGDPKPTI
QWDKDLKYLSENNTDRERFRFLENGTLEIRNVQVEDEGSYGCTIGNSAGLKREDVQLVVKTTGDGFAPEESGGDGFLVTR
GTKHHHHHH
;
_entity_poly.pdbx_strand_id   A,B
#
loop_
_chem_comp.id
_chem_comp.type
_chem_comp.name
_chem_comp.formula
NAG D-saccharide, beta linking 2-acetamido-2-deoxy-beta-D-glucopyranose 'C8 H15 N O6'
SO4 non-polymer 'SULFATE ION' 'O4 S -2'
#
# COMPACT_ATOMS: atom_id res chain seq x y z
N ALA A 226 1.26 34.97 20.01
CA ALA A 226 1.95 36.14 20.54
C ALA A 226 3.20 35.73 21.30
N LEU A 227 4.08 35.00 20.62
CA LEU A 227 5.31 34.50 21.21
C LEU A 227 6.35 35.61 21.30
N PRO A 228 7.31 35.50 22.22
CA PRO A 228 8.36 36.51 22.30
C PRO A 228 9.19 36.56 21.03
N ALA A 229 9.63 37.75 20.68
CA ALA A 229 10.46 37.92 19.48
C ALA A 229 11.79 37.19 19.66
N ALA A 230 12.28 36.64 18.57
CA ALA A 230 13.58 35.97 18.58
C ALA A 230 14.69 37.00 18.81
N PRO A 231 15.83 36.57 19.34
CA PRO A 231 16.94 37.50 19.53
C PRO A 231 17.38 38.14 18.22
N GLU A 232 17.90 39.37 18.33
CA GLU A 232 18.23 40.15 17.16
C GLU A 232 19.42 39.61 16.37
N ASP A 233 20.30 38.83 17.00
CA ASP A 233 21.43 38.27 16.29
C ASP A 233 21.08 37.02 15.49
N LEU A 234 19.86 36.52 15.61
CA LEU A 234 19.35 35.41 14.82
C LEU A 234 18.58 36.01 13.64
N ARG A 235 19.09 35.84 12.43
CA ARG A 235 18.47 36.54 11.32
C ARG A 235 18.74 35.83 10.00
N ILE A 236 17.89 36.16 9.02
CA ILE A 236 18.05 35.73 7.64
C ILE A 236 18.79 36.85 6.92
N VAL A 237 20.00 36.57 6.47
CA VAL A 237 20.83 37.60 5.83
C VAL A 237 20.51 37.75 4.35
N GLN A 238 20.30 36.64 3.64
CA GLN A 238 19.97 36.67 2.22
C GLN A 238 18.82 35.69 1.97
N GLY A 239 17.60 36.22 1.96
CA GLY A 239 16.43 35.42 1.68
C GLY A 239 16.29 35.17 0.19
N PRO A 240 15.15 34.65 -0.24
CA PRO A 240 14.98 34.32 -1.66
C PRO A 240 14.77 35.56 -2.50
N ILE A 241 15.21 35.46 -3.76
CA ILE A 241 14.99 36.52 -4.73
C ILE A 241 13.48 36.71 -4.94
N GLY A 242 13.09 37.96 -5.20
CA GLY A 242 11.66 38.26 -5.30
C GLY A 242 10.94 37.45 -6.37
N GLN A 243 11.58 37.25 -7.51
CA GLN A 243 10.96 36.46 -8.57
C GLN A 243 12.04 35.76 -9.39
N SER A 244 11.84 34.47 -9.64
CA SER A 244 12.73 33.66 -10.46
C SER A 244 11.91 33.02 -11.56
N ILE A 245 12.49 32.92 -12.75
CA ILE A 245 11.88 32.22 -13.87
C ILE A 245 12.88 31.18 -14.33
N ILE A 246 12.48 29.92 -14.28
CA ILE A 246 13.36 28.80 -14.57
C ILE A 246 12.64 27.86 -15.53
N LYS A 247 13.41 27.23 -16.41
CA LYS A 247 12.86 26.29 -17.37
C LYS A 247 12.78 24.90 -16.75
N GLU A 248 11.65 24.23 -16.94
CA GLU A 248 11.54 22.84 -16.53
C GLU A 248 12.69 22.05 -17.11
N GLY A 249 13.34 21.26 -16.26
CA GLY A 249 14.52 20.50 -16.65
C GLY A 249 15.83 21.11 -16.18
N GLU A 250 15.84 22.39 -15.83
CA GLU A 250 16.99 23.16 -15.36
C GLU A 250 17.16 23.01 -13.85
N PRO A 251 18.38 22.98 -13.36
CA PRO A 251 18.60 23.13 -11.92
C PRO A 251 18.46 24.59 -11.51
N THR A 252 18.14 24.78 -10.23
CA THR A 252 18.15 26.12 -9.64
C THR A 252 18.23 25.98 -8.12
N ALA A 253 18.23 27.12 -7.44
CA ALA A 253 18.35 27.13 -6.00
C ALA A 253 17.81 28.45 -5.47
N LEU A 254 17.18 28.39 -4.30
CA LEU A 254 16.69 29.56 -3.59
C LEU A 254 17.50 29.72 -2.31
N THR A 255 17.82 30.96 -1.97
CA THR A 255 18.75 31.25 -0.88
C THR A 255 18.02 31.61 0.41
N CYS A 256 18.61 31.21 1.53
CA CYS A 256 18.14 31.59 2.85
C CYS A 256 19.34 31.63 3.79
N LEU A 257 20.38 32.37 3.37
CA LEU A 257 21.58 32.53 4.18
C LEU A 257 21.21 33.12 5.55
N TYR A 258 21.76 32.54 6.61
CA TYR A 258 21.35 32.89 7.96
C TYR A 258 22.58 33.12 8.83
N GLU A 259 22.36 33.84 9.93
CA GLU A 259 23.34 34.01 10.98
C GLU A 259 22.77 33.41 12.26
N LEU A 260 23.53 32.50 12.86
CA LEU A 260 23.09 31.76 14.04
C LEU A 260 24.06 32.03 15.18
N PRO A 261 23.66 32.78 16.21
CA PRO A 261 24.60 33.15 17.26
C PRO A 261 24.95 31.98 18.16
N ASP A 262 26.17 32.02 18.71
CA ASP A 262 26.71 30.89 19.44
C ASP A 262 25.93 30.59 20.72
N GLU A 263 25.31 31.60 21.34
CA GLU A 263 24.56 31.29 22.55
C GLU A 263 23.25 30.57 22.28
N LEU A 264 22.95 30.27 21.01
CA LEU A 264 21.79 29.47 20.65
C LEU A 264 22.16 28.15 19.97
N LYS A 265 23.46 27.85 19.84
CA LYS A 265 23.89 26.66 19.12
C LYS A 265 23.33 25.37 19.72
N ASN A 266 22.98 25.37 21.00
CA ASN A 266 22.43 24.20 21.66
C ASN A 266 20.92 24.28 21.85
N GLN A 267 20.31 25.40 21.47
CA GLN A 267 18.86 25.53 21.50
C GLN A 267 18.24 24.82 20.30
N ARG A 268 16.93 24.60 20.38
CA ARG A 268 16.18 24.03 19.27
C ARG A 268 15.86 25.15 18.29
N ILE A 269 16.54 25.15 17.14
CA ILE A 269 16.33 26.16 16.11
C ILE A 269 16.12 25.46 14.78
N GLN A 270 15.04 25.82 14.09
CA GLN A 270 14.64 25.18 12.85
C GLN A 270 14.64 26.22 11.73
N LEU A 271 15.25 25.86 10.60
CA LEU A 271 15.10 26.62 9.37
C LEU A 271 14.13 25.85 8.49
N ARG A 272 13.02 26.48 8.12
CA ARG A 272 11.96 25.86 7.36
C ARG A 272 11.81 26.57 6.03
N TRP A 273 11.54 25.82 4.98
CA TRP A 273 11.07 26.38 3.72
C TRP A 273 9.61 25.99 3.54
N ARG A 274 8.79 26.96 3.16
CA ARG A 274 7.38 26.77 2.87
C ARG A 274 7.11 27.09 1.42
N LYS A 275 6.14 26.38 0.84
CA LYS A 275 5.71 26.59 -0.53
C LYS A 275 4.21 26.81 -0.51
N ASP A 276 3.76 27.97 -1.00
CA ASP A 276 2.37 28.37 -0.93
C ASP A 276 1.82 28.18 0.49
N GLY A 277 2.63 28.57 1.48
CA GLY A 277 2.25 28.49 2.87
C GLY A 277 2.41 27.13 3.54
N LYS A 278 2.76 26.09 2.80
CA LYS A 278 2.88 24.73 3.34
C LYS A 278 4.34 24.35 3.55
N LEU A 279 4.65 23.79 4.72
CA LEU A 279 5.99 23.29 4.98
C LEU A 279 6.43 22.32 3.90
N LEU A 280 7.65 22.52 3.40
CA LEU A 280 8.19 21.70 2.33
C LEU A 280 9.49 21.00 2.72
N ARG A 281 10.41 21.70 3.37
CA ARG A 281 11.65 21.12 3.88
C ARG A 281 11.99 21.81 5.20
N GLN A 282 12.67 21.08 6.08
CA GLN A 282 13.12 21.67 7.34
C GLN A 282 14.42 21.01 7.77
N VAL A 283 15.23 21.77 8.52
CA VAL A 283 16.47 21.24 9.08
C VAL A 283 16.70 21.92 10.43
N GLU A 284 17.17 21.14 11.40
CA GLU A 284 17.56 21.67 12.70
C GLU A 284 18.93 22.31 12.59
N LEU A 285 19.05 23.55 13.07
CA LEU A 285 20.33 24.23 13.06
C LEU A 285 21.09 24.11 14.37
N GLY A 286 20.38 23.90 15.49
CA GLY A 286 21.03 23.88 16.79
C GLY A 286 21.05 22.51 17.44
N GLY A 287 20.35 22.37 18.57
CA GLY A 287 20.31 21.10 19.26
C GLY A 287 19.49 20.07 18.51
N SER A 288 19.84 18.81 18.71
CA SER A 288 19.19 17.69 18.02
C SER A 288 17.74 17.55 18.45
N ASP A 307 20.14 10.13 -4.49
CA ASP A 307 20.26 11.57 -4.66
C ASP A 307 18.88 12.22 -4.76
N ALA A 308 18.49 12.92 -3.70
CA ALA A 308 17.18 13.55 -3.68
C ALA A 308 17.15 14.78 -4.58
N ARG A 309 16.02 14.98 -5.24
CA ARG A 309 15.92 16.06 -6.22
C ARG A 309 15.87 17.43 -5.55
N LEU A 310 15.14 17.53 -4.44
CA LEU A 310 14.89 18.80 -3.76
C LEU A 310 15.39 18.67 -2.33
N VAL A 311 16.48 19.37 -2.00
CA VAL A 311 17.11 19.26 -0.69
C VAL A 311 17.36 20.63 -0.08
N LEU A 312 17.42 20.66 1.23
CA LEU A 312 17.71 21.86 2.01
C LEU A 312 19.07 21.66 2.65
N HIS A 313 20.00 22.57 2.35
CA HIS A 313 21.37 22.47 2.86
C HIS A 313 21.48 23.15 4.22
N LYS A 314 22.00 22.41 5.20
CA LYS A 314 22.01 22.88 6.58
C LYS A 314 22.91 24.10 6.75
N GLN A 315 24.09 24.09 6.13
CA GLN A 315 25.10 25.09 6.45
C GLN A 315 24.69 26.49 5.98
N ASN A 316 24.00 26.60 4.84
CA ASN A 316 23.68 27.91 4.29
C ASN A 316 22.20 28.15 4.01
N GLY A 317 21.32 27.19 4.31
CA GLY A 317 19.90 27.38 4.11
C GLY A 317 19.41 27.30 2.67
N THR A 318 20.27 26.97 1.71
CA THR A 318 19.85 26.90 0.32
C THR A 318 18.87 25.76 0.11
N LEU A 319 17.77 26.07 -0.58
CA LEU A 319 16.85 25.05 -1.10
C LEU A 319 17.24 24.80 -2.55
N SER A 320 17.78 23.62 -2.85
CA SER A 320 18.35 23.34 -4.16
C SER A 320 17.48 22.35 -4.92
N PHE A 321 17.19 22.67 -6.18
CA PHE A 321 16.44 21.81 -7.10
C PHE A 321 17.43 21.23 -8.10
N ALA A 322 17.64 19.91 -8.04
CA ALA A 322 18.55 19.28 -9.01
C ALA A 322 17.98 19.41 -10.42
N SER A 323 16.67 19.33 -10.57
CA SER A 323 16.02 19.53 -11.85
C SER A 323 14.60 20.01 -11.59
N ILE A 324 14.24 21.17 -12.15
CA ILE A 324 12.93 21.75 -11.93
C ILE A 324 11.86 20.93 -12.65
N ILE A 325 10.72 20.74 -11.97
CA ILE A 325 9.53 20.19 -12.60
C ILE A 325 8.42 21.22 -12.50
N ALA A 326 7.41 21.06 -13.36
CA ALA A 326 6.35 22.06 -13.50
C ALA A 326 5.69 22.37 -12.15
N SER A 327 5.49 21.36 -11.31
CA SER A 327 4.80 21.58 -10.05
C SER A 327 5.65 22.30 -9.02
N ASP A 328 6.92 22.60 -9.30
CA ASP A 328 7.70 23.42 -8.39
C ASP A 328 7.28 24.88 -8.39
N ALA A 329 6.48 25.31 -9.36
CA ALA A 329 6.05 26.70 -9.41
C ALA A 329 5.23 27.05 -8.16
N GLY A 330 5.46 28.25 -7.64
CA GLY A 330 4.72 28.70 -6.48
C GLY A 330 5.48 29.76 -5.72
N GLN A 331 4.92 30.12 -4.57
CA GLN A 331 5.51 31.16 -3.72
C GLN A 331 6.25 30.49 -2.56
N TYR A 332 7.53 30.78 -2.46
CA TYR A 332 8.39 30.16 -1.46
C TYR A 332 8.79 31.18 -0.39
N GLN A 333 8.95 30.70 0.83
CA GLN A 333 9.38 31.53 1.94
C GLN A 333 10.12 30.66 2.93
N CYS A 334 11.23 31.18 3.46
CA CYS A 334 11.96 30.48 4.50
C CYS A 334 11.73 31.15 5.84
N GLN A 335 11.81 30.35 6.90
CA GLN A 335 11.58 30.80 8.26
C GLN A 335 12.72 30.34 9.15
N LEU A 336 13.09 31.20 10.09
CA LEU A 336 14.09 30.92 11.11
C LEU A 336 13.35 30.90 12.44
N GLN A 337 13.26 29.73 13.07
CA GLN A 337 12.32 29.48 14.16
C GLN A 337 13.05 28.97 15.40
N LEU A 338 13.28 29.86 16.36
CA LEU A 338 13.77 29.45 17.67
C LEU A 338 12.60 28.94 18.52
N GLU A 339 12.85 27.88 19.28
CA GLU A 339 11.79 27.25 20.06
C GLU A 339 11.19 28.25 21.04
N ALA A 340 9.85 28.28 21.09
CA ALA A 340 9.06 29.12 21.98
C ALA A 340 9.17 30.60 21.66
N HIS A 341 9.63 30.96 20.47
CA HIS A 341 9.72 32.34 20.02
C HIS A 341 8.96 32.53 18.72
N ALA A 342 8.80 33.79 18.34
CA ALA A 342 8.16 34.10 17.08
C ALA A 342 9.09 33.75 15.92
N PRO A 343 8.57 33.17 14.85
CA PRO A 343 9.41 32.90 13.68
C PRO A 343 9.91 34.17 13.02
N ILE A 344 11.12 34.09 12.47
CA ILE A 344 11.64 35.14 11.60
C ILE A 344 11.32 34.73 10.17
N ASN A 345 10.55 35.57 9.48
CA ASN A 345 10.04 35.27 8.15
C ASN A 345 10.86 36.00 7.10
N SER A 346 11.27 35.27 6.07
CA SER A 346 11.89 35.93 4.92
C SER A 346 10.83 36.64 4.09
N SER A 347 11.29 37.51 3.19
CA SER A 347 10.42 37.95 2.12
C SER A 347 10.05 36.75 1.24
N PRO A 348 8.83 36.71 0.71
CA PRO A 348 8.46 35.60 -0.17
C PRO A 348 9.20 35.67 -1.49
N GLY A 349 9.44 34.49 -2.06
CA GLY A 349 10.06 34.38 -3.37
C GLY A 349 9.17 33.64 -4.34
N ILE A 350 8.89 34.25 -5.49
CA ILE A 350 8.04 33.65 -6.50
C ILE A 350 8.91 32.84 -7.46
N LEU A 351 8.56 31.58 -7.66
CA LEU A 351 9.25 30.71 -8.59
C LEU A 351 8.29 30.38 -9.72
N GLU A 352 8.59 30.86 -10.91
CA GLU A 352 7.82 30.56 -12.11
C GLU A 352 8.60 29.56 -12.95
N VAL A 353 7.88 28.60 -13.53
CA VAL A 353 8.48 27.53 -14.30
C VAL A 353 7.99 27.63 -15.74
N ILE A 354 8.92 27.76 -16.68
CA ILE A 354 8.61 27.62 -18.09
C ILE A 354 8.48 26.12 -18.37
N GLU A 355 7.25 25.66 -18.58
CA GLU A 355 6.98 24.23 -18.66
C GLU A 355 7.42 23.64 -19.99
N GLN A 356 7.88 22.40 -19.95
CA GLN A 356 8.07 21.63 -21.17
C GLN A 356 6.77 21.58 -21.96
N LEU A 357 6.87 21.75 -23.28
CA LEU A 357 5.75 21.43 -24.16
C LEU A 357 5.74 19.92 -24.38
N LYS A 358 4.76 19.24 -23.80
CA LYS A 358 4.71 17.78 -23.88
C LYS A 358 3.32 17.33 -23.47
N PHE A 359 2.96 16.12 -23.90
CA PHE A 359 1.69 15.52 -23.50
C PHE A 359 1.79 14.92 -22.10
N VAL A 360 0.68 14.95 -21.36
CA VAL A 360 0.65 14.42 -20.00
C VAL A 360 -0.69 13.75 -19.72
N PRO A 361 -0.82 12.43 -19.94
CA PRO A 361 0.24 11.65 -20.54
C PRO A 361 0.14 11.64 -22.06
N GLN A 362 1.07 10.94 -22.67
CA GLN A 362 1.16 10.85 -24.10
C GLN A 362 0.12 9.88 -24.63
N PRO A 363 -0.75 10.28 -25.56
CA PRO A 363 -1.74 9.34 -26.12
C PRO A 363 -1.07 8.10 -26.66
N THR A 364 -1.79 6.99 -26.63
CA THR A 364 -1.29 5.72 -27.16
C THR A 364 -2.33 5.07 -28.06
N SER A 365 -1.88 4.09 -28.83
CA SER A 365 -2.77 3.37 -29.73
C SER A 365 -3.86 2.64 -28.95
N LYS A 366 -5.02 2.50 -29.58
CA LYS A 366 -6.19 1.91 -28.96
C LYS A 366 -6.84 0.91 -29.91
N ASN A 367 -7.46 -0.12 -29.34
CA ASN A 367 -8.29 -1.06 -30.09
C ASN A 367 -9.73 -0.84 -29.66
N LEU A 368 -10.59 -0.48 -30.61
CA LEU A 368 -12.00 -0.26 -30.33
C LEU A 368 -12.78 -1.50 -30.75
N GLU A 369 -13.83 -1.82 -29.99
CA GLU A 369 -14.70 -2.93 -30.31
C GLU A 369 -15.76 -2.47 -31.30
N LEU A 370 -15.87 -3.17 -32.42
CA LEU A 370 -16.93 -2.89 -33.39
C LEU A 370 -18.28 -2.83 -32.69
N ASP A 371 -19.06 -1.80 -33.01
CA ASP A 371 -20.39 -1.52 -32.48
C ASP A 371 -20.38 -1.10 -31.02
N ALA A 372 -19.21 -0.89 -30.41
CA ALA A 372 -19.17 -0.29 -29.08
C ALA A 372 -19.92 1.05 -29.11
N VAL A 373 -20.68 1.30 -28.05
CA VAL A 373 -21.56 2.47 -28.04
C VAL A 373 -20.74 3.75 -27.99
N VAL A 374 -19.74 3.81 -27.11
CA VAL A 374 -18.87 4.97 -26.97
C VAL A 374 -17.45 4.50 -26.67
N ALA A 375 -16.47 5.10 -27.33
CA ALA A 375 -15.07 4.88 -27.03
C ALA A 375 -14.34 6.21 -27.03
N LYS A 376 -13.42 6.40 -26.09
CA LYS A 376 -12.79 7.70 -25.87
C LYS A 376 -11.27 7.56 -25.84
N VAL A 377 -10.61 8.56 -26.41
CA VAL A 377 -9.15 8.65 -26.41
C VAL A 377 -8.81 10.04 -25.90
N HIS A 378 -8.21 10.09 -24.71
CA HIS A 378 -7.87 11.38 -24.11
C HIS A 378 -6.62 11.96 -24.73
N CYS A 379 -6.54 13.29 -24.72
CA CYS A 379 -5.32 13.98 -25.09
C CYS A 379 -5.21 15.24 -24.24
N LYS A 380 -4.15 15.30 -23.43
CA LYS A 380 -3.88 16.44 -22.57
C LYS A 380 -2.40 16.78 -22.67
N ALA A 381 -2.11 18.08 -22.68
CA ALA A 381 -0.74 18.53 -22.81
C ALA A 381 -0.49 19.65 -21.80
N GLN A 382 0.78 19.87 -21.51
CA GLN A 382 1.22 21.01 -20.72
C GLN A 382 2.13 21.87 -21.57
N GLY A 383 2.50 23.01 -21.04
CA GLY A 383 3.31 23.98 -21.75
C GLY A 383 3.05 25.36 -21.19
N THR A 384 3.89 26.29 -21.61
CA THR A 384 3.78 27.68 -21.17
C THR A 384 3.65 28.59 -22.38
N PRO A 385 2.47 29.18 -22.65
CA PRO A 385 1.20 28.98 -21.93
C PRO A 385 0.59 27.62 -22.22
N THR A 386 -0.46 27.26 -21.48
CA THR A 386 -1.13 25.98 -21.67
C THR A 386 -1.53 25.83 -23.14
N PRO A 387 -1.17 24.74 -23.79
CA PRO A 387 -1.40 24.62 -25.23
C PRO A 387 -2.85 24.27 -25.56
N GLN A 388 -3.23 24.63 -26.78
CA GLN A 388 -4.52 24.22 -27.32
C GLN A 388 -4.37 22.84 -27.95
N VAL A 389 -5.36 21.98 -27.73
CA VAL A 389 -5.33 20.59 -28.17
C VAL A 389 -6.41 20.37 -29.22
N GLN A 390 -6.06 19.69 -30.30
CA GLN A 390 -7.02 19.31 -31.34
C GLN A 390 -6.67 17.94 -31.88
N TRP A 391 -7.68 17.30 -32.49
CA TRP A 391 -7.51 16.02 -33.17
C TRP A 391 -7.81 16.15 -34.65
N VAL A 392 -7.00 15.49 -35.48
CA VAL A 392 -7.25 15.35 -36.91
C VAL A 392 -6.98 13.89 -37.27
N ARG A 393 -7.45 13.48 -38.45
CA ARG A 393 -7.12 12.16 -38.95
C ARG A 393 -5.83 12.26 -39.77
N ASP A 394 -4.98 11.26 -39.61
CA ASP A 394 -3.74 11.20 -40.37
C ASP A 394 -3.98 10.50 -41.70
N GLY A 395 -3.23 10.93 -42.71
CA GLY A 395 -3.28 10.31 -44.02
C GLY A 395 -3.93 11.19 -45.07
N GLU A 396 -4.40 10.54 -46.13
CA GLU A 396 -4.90 11.23 -47.31
C GLU A 396 -6.12 12.10 -46.99
N ASN A 397 -6.99 11.63 -46.10
CA ASN A 397 -8.21 12.33 -45.74
C ASN A 397 -8.12 12.68 -44.25
N THR A 398 -7.92 13.96 -43.96
CA THR A 398 -7.68 14.43 -42.59
C THR A 398 -8.96 14.64 -41.79
N THR A 399 -10.12 14.54 -42.43
CA THR A 399 -11.38 14.75 -41.74
C THR A 399 -11.67 13.59 -40.78
N LEU A 400 -12.16 13.93 -39.59
CA LEU A 400 -12.63 12.90 -38.66
C LEU A 400 -13.89 12.25 -39.22
N PRO A 401 -13.97 10.92 -39.23
CA PRO A 401 -15.16 10.25 -39.78
C PRO A 401 -16.42 10.65 -39.02
N ASP A 402 -17.56 10.33 -39.62
CA ASP A 402 -18.84 10.59 -38.99
C ASP A 402 -18.94 9.82 -37.68
N HIS A 403 -19.65 10.42 -36.72
CA HIS A 403 -19.79 9.87 -35.36
C HIS A 403 -18.44 9.83 -34.63
N VAL A 404 -17.52 10.71 -35.03
CA VAL A 404 -16.28 10.96 -34.29
C VAL A 404 -16.23 12.45 -34.00
N GLU A 405 -15.97 12.80 -32.74
CA GLU A 405 -15.96 14.19 -32.32
C GLU A 405 -14.94 14.39 -31.22
N VAL A 406 -14.62 15.65 -30.97
CA VAL A 406 -13.73 16.05 -29.88
C VAL A 406 -14.51 16.95 -28.93
N ASP A 407 -14.50 16.60 -27.64
CA ASP A 407 -15.20 17.41 -26.66
C ASP A 407 -14.30 18.53 -26.18
N ALA A 408 -14.80 19.35 -25.25
CA ALA A 408 -14.07 20.52 -24.78
C ALA A 408 -12.79 20.17 -24.03
N ASN A 409 -12.62 18.91 -23.60
CA ASN A 409 -11.41 18.50 -22.91
C ASN A 409 -10.36 17.92 -23.86
N GLY A 410 -10.55 18.03 -25.16
CA GLY A 410 -9.64 17.42 -26.11
C GLY A 410 -9.78 15.93 -26.25
N THR A 411 -10.86 15.34 -25.74
CA THR A 411 -11.06 13.89 -25.79
C THR A 411 -11.70 13.50 -27.12
N LEU A 412 -11.02 12.64 -27.86
CA LEU A 412 -11.56 12.11 -29.10
C LEU A 412 -12.59 11.04 -28.78
N ILE A 413 -13.80 11.19 -29.32
CA ILE A 413 -14.94 10.36 -28.95
C ILE A 413 -15.48 9.67 -30.20
N PHE A 414 -15.50 8.34 -30.17
CA PHE A 414 -16.13 7.53 -31.21
C PHE A 414 -17.48 7.04 -30.70
N ARG A 415 -18.52 7.18 -31.52
CA ARG A 415 -19.86 6.74 -31.16
C ARG A 415 -20.33 5.68 -32.13
N ASN A 416 -20.84 4.58 -31.59
CA ASN A 416 -21.27 3.42 -32.37
C ASN A 416 -20.16 3.00 -33.36
N VAL A 417 -19.10 2.45 -32.77
CA VAL A 417 -17.89 2.12 -33.51
C VAL A 417 -18.24 1.28 -34.72
N ASN A 418 -17.78 1.71 -35.89
CA ASN A 418 -17.92 0.94 -37.11
C ASN A 418 -16.57 0.87 -37.82
N SER A 419 -16.51 0.07 -38.88
CA SER A 419 -15.24 -0.25 -39.53
C SER A 419 -14.58 0.98 -40.14
N GLU A 420 -15.37 2.00 -40.51
CA GLU A 420 -14.81 3.23 -41.06
C GLU A 420 -14.03 4.03 -40.03
N HIS A 421 -14.17 3.74 -38.74
CA HIS A 421 -13.47 4.50 -37.72
C HIS A 421 -11.98 4.15 -37.65
N ARG A 422 -11.59 3.00 -38.18
CA ARG A 422 -10.20 2.57 -38.13
C ARG A 422 -9.30 3.57 -38.85
N GLY A 423 -8.17 3.88 -38.22
CA GLY A 423 -7.19 4.74 -38.88
C GLY A 423 -6.18 5.25 -37.88
N ASN A 424 -5.28 6.09 -38.39
CA ASN A 424 -4.32 6.80 -37.57
C ASN A 424 -4.85 8.19 -37.30
N TYR A 425 -4.83 8.59 -36.02
CA TYR A 425 -5.39 9.84 -35.56
C TYR A 425 -4.31 10.63 -34.84
N THR A 426 -4.28 11.94 -35.10
CA THR A 426 -3.20 12.80 -34.66
C THR A 426 -3.75 13.81 -33.66
N CYS A 427 -3.16 13.84 -32.47
CA CYS A 427 -3.42 14.90 -31.50
C CYS A 427 -2.32 15.94 -31.61
N LEU A 428 -2.71 17.19 -31.83
CA LEU A 428 -1.79 18.31 -31.93
C LEU A 428 -1.97 19.19 -30.70
N ALA A 429 -0.86 19.55 -30.05
CA ALA A 429 -0.86 20.51 -28.97
C ALA A 429 -0.02 21.70 -29.40
N THR A 430 -0.62 22.89 -29.41
CA THR A 430 -0.03 24.06 -30.03
C THR A 430 -0.06 25.25 -29.08
N ASN A 431 1.07 25.95 -28.98
CA ASN A 431 1.13 27.23 -28.27
C ASN A 431 2.31 28.01 -28.85
N SER A 432 2.72 29.06 -28.15
CA SER A 432 3.83 29.89 -28.64
C SER A 432 5.17 29.20 -28.56
N GLN A 433 5.27 28.08 -27.84
CA GLN A 433 6.52 27.32 -27.80
C GLN A 433 6.69 26.42 -29.01
N GLY A 434 5.62 26.16 -29.75
CA GLY A 434 5.70 25.31 -30.90
C GLY A 434 4.50 24.39 -31.00
N GLN A 435 4.72 23.18 -31.50
CA GLN A 435 3.62 22.25 -31.72
C GLN A 435 4.14 20.82 -31.58
N ILE A 436 3.44 20.02 -30.80
CA ILE A 436 3.76 18.61 -30.66
C ILE A 436 2.61 17.79 -31.22
N ASN A 437 2.94 16.59 -31.67
CA ASN A 437 2.08 15.78 -32.52
C ASN A 437 2.25 14.34 -32.08
N ALA A 438 1.22 13.78 -31.47
CA ALA A 438 1.16 12.36 -31.14
C ALA A 438 0.15 11.70 -32.07
N THR A 439 0.63 10.86 -32.97
CA THR A 439 -0.23 10.11 -33.89
C THR A 439 -0.32 8.68 -33.39
N VAL A 440 -1.54 8.18 -33.23
CA VAL A 440 -1.79 6.87 -32.64
C VAL A 440 -2.66 6.03 -33.56
N ALA A 441 -2.39 4.72 -33.59
CA ALA A 441 -3.20 3.79 -34.36
C ALA A 441 -4.48 3.47 -33.61
N ILE A 442 -5.63 3.69 -34.26
CA ILE A 442 -6.93 3.38 -33.70
C ILE A 442 -7.50 2.24 -34.54
N ASN A 443 -7.42 1.03 -34.03
CA ASN A 443 -7.92 -0.13 -34.74
C ASN A 443 -9.31 -0.49 -34.26
N VAL A 444 -10.08 -1.13 -35.14
CA VAL A 444 -11.40 -1.64 -34.82
C VAL A 444 -11.32 -3.17 -34.86
N VAL A 445 -11.59 -3.80 -33.72
CA VAL A 445 -11.46 -5.24 -33.59
C VAL A 445 -12.84 -5.84 -33.38
N VAL A 446 -12.93 -7.15 -33.60
CA VAL A 446 -14.19 -7.89 -33.54
C VAL A 446 -13.93 -9.18 -32.78
N THR A 447 -14.63 -9.37 -31.67
CA THR A 447 -14.46 -10.61 -30.91
C THR A 447 -14.96 -11.79 -31.73
N PRO A 448 -14.38 -12.97 -31.54
CA PRO A 448 -14.75 -14.11 -32.39
C PRO A 448 -16.23 -14.43 -32.30
N LYS A 449 -16.80 -14.85 -33.41
CA LYS A 449 -18.14 -15.41 -33.46
C LYS A 449 -18.06 -16.73 -34.23
N PHE A 450 -18.91 -17.67 -33.85
CA PHE A 450 -18.96 -18.96 -34.55
C PHE A 450 -19.61 -18.77 -35.90
N SER A 451 -18.88 -19.11 -36.96
CA SER A 451 -19.50 -19.28 -38.27
C SER A 451 -20.03 -20.69 -38.46
N VAL A 452 -19.32 -21.68 -37.91
CA VAL A 452 -19.79 -23.06 -37.82
C VAL A 452 -19.60 -23.48 -36.37
N PRO A 453 -20.59 -23.27 -35.51
CA PRO A 453 -20.46 -23.70 -34.11
C PRO A 453 -20.56 -25.19 -33.98
N PRO A 454 -20.01 -25.78 -32.92
CA PRO A 454 -20.30 -27.18 -32.62
C PRO A 454 -21.80 -27.35 -32.41
N VAL A 455 -22.34 -28.42 -32.96
CA VAL A 455 -23.78 -28.68 -32.94
C VAL A 455 -24.02 -30.11 -32.44
N GLY A 456 -24.87 -30.25 -31.44
CA GLY A 456 -25.18 -31.53 -30.86
C GLY A 456 -26.60 -31.60 -30.34
N PRO A 457 -26.94 -32.67 -29.60
CA PRO A 457 -26.09 -33.80 -29.16
C PRO A 457 -25.60 -34.67 -30.31
N ILE A 458 -24.38 -35.19 -30.18
CA ILE A 458 -23.80 -36.09 -31.16
C ILE A 458 -23.90 -37.50 -30.59
N GLU A 459 -24.76 -38.31 -31.19
CA GLU A 459 -25.01 -39.67 -30.71
C GLU A 459 -24.37 -40.68 -31.65
N THR A 460 -23.74 -41.69 -31.06
CA THR A 460 -23.07 -42.73 -31.83
C THR A 460 -23.08 -44.02 -31.02
N SER A 461 -22.74 -45.11 -31.69
CA SER A 461 -22.55 -46.40 -31.06
C SER A 461 -21.06 -46.64 -30.85
N GLU A 462 -20.76 -47.61 -29.98
CA GLU A 462 -19.37 -48.00 -29.77
C GLU A 462 -18.76 -48.42 -31.09
N GLN A 463 -17.47 -48.08 -31.26
CA GLN A 463 -16.65 -48.36 -32.43
C GLN A 463 -17.02 -47.49 -33.64
N GLY A 464 -18.00 -46.61 -33.52
CA GLY A 464 -18.33 -45.70 -34.62
C GLY A 464 -17.32 -44.59 -34.75
N THR A 465 -17.61 -43.67 -35.67
CA THR A 465 -16.81 -42.47 -35.86
C THR A 465 -17.72 -41.25 -35.77
N VAL A 466 -17.26 -40.23 -35.05
CA VAL A 466 -17.97 -38.97 -34.94
C VAL A 466 -17.08 -37.84 -35.43
N VAL A 467 -17.73 -36.76 -35.86
CA VAL A 467 -17.07 -35.50 -36.13
C VAL A 467 -17.81 -34.41 -35.38
N MET A 468 -17.05 -33.41 -34.93
CA MET A 468 -17.62 -32.20 -34.39
C MET A 468 -16.84 -31.03 -34.97
N HIS A 469 -17.55 -29.99 -35.36
CA HIS A 469 -16.98 -28.92 -36.16
C HIS A 469 -16.84 -27.64 -35.33
N CYS A 470 -15.89 -26.80 -35.74
CA CYS A 470 -15.72 -25.50 -35.09
C CYS A 470 -14.98 -24.58 -36.05
N GLN A 471 -15.67 -23.54 -36.51
CA GLN A 471 -15.08 -22.54 -37.37
C GLN A 471 -15.56 -21.18 -36.91
N ALA A 472 -14.66 -20.19 -37.00
CA ALA A 472 -14.92 -18.89 -36.38
C ALA A 472 -14.52 -17.78 -37.34
N ILE A 473 -15.12 -16.61 -37.13
CA ILE A 473 -14.74 -15.38 -37.80
C ILE A 473 -14.48 -14.32 -36.74
N GLY A 474 -13.73 -13.30 -37.14
CA GLY A 474 -13.36 -12.24 -36.22
C GLY A 474 -12.16 -11.48 -36.74
N ASP A 475 -11.78 -10.46 -35.97
CA ASP A 475 -10.68 -9.59 -36.35
C ASP A 475 -9.88 -9.20 -35.11
N PRO A 476 -8.64 -9.72 -34.94
CA PRO A 476 -7.88 -10.60 -35.83
C PRO A 476 -8.51 -11.97 -36.04
N LYS A 477 -8.02 -12.70 -37.04
CA LYS A 477 -8.54 -14.02 -37.36
C LYS A 477 -8.44 -14.92 -36.13
N PRO A 478 -9.54 -15.49 -35.66
CA PRO A 478 -9.50 -16.24 -34.40
C PRO A 478 -8.81 -17.58 -34.56
N THR A 479 -8.36 -18.11 -33.44
CA THR A 479 -7.86 -19.47 -33.31
C THR A 479 -8.94 -20.29 -32.61
N ILE A 480 -8.94 -21.60 -32.87
CA ILE A 480 -9.92 -22.48 -32.24
C ILE A 480 -9.18 -23.51 -31.42
N GLN A 481 -9.81 -23.93 -30.31
CA GLN A 481 -9.21 -24.89 -29.40
C GLN A 481 -10.29 -25.82 -28.85
N TRP A 482 -10.05 -27.11 -28.96
CA TRP A 482 -10.97 -28.12 -28.46
C TRP A 482 -10.64 -28.46 -27.01
N ASP A 483 -11.69 -28.65 -26.21
CA ASP A 483 -11.55 -29.14 -24.85
C ASP A 483 -12.61 -30.19 -24.58
N LYS A 484 -12.35 -31.01 -23.57
CA LYS A 484 -13.36 -31.86 -22.97
C LYS A 484 -13.49 -31.46 -21.51
N ASP A 485 -14.68 -30.98 -21.13
CA ASP A 485 -14.96 -30.55 -19.75
C ASP A 485 -13.92 -29.53 -19.28
N LEU A 486 -13.60 -28.58 -20.16
CA LEU A 486 -12.67 -27.48 -19.93
C LEU A 486 -11.22 -27.93 -19.81
N LYS A 487 -10.90 -29.16 -20.19
CA LYS A 487 -9.52 -29.63 -20.29
C LYS A 487 -9.15 -29.67 -21.77
N TYR A 488 -8.11 -28.94 -22.15
CA TYR A 488 -7.71 -28.87 -23.55
C TYR A 488 -7.38 -30.26 -24.09
N LEU A 489 -7.66 -30.45 -25.38
CA LEU A 489 -7.38 -31.70 -26.08
C LEU A 489 -6.31 -31.48 -27.14
N SER A 490 -5.41 -32.43 -27.26
CA SER A 490 -4.38 -32.40 -28.29
C SER A 490 -3.77 -33.80 -28.42
N GLU A 491 -2.72 -33.91 -29.25
CA GLU A 491 -1.98 -35.16 -29.33
C GLU A 491 -1.33 -35.53 -28.01
N ASN A 492 -1.09 -34.54 -27.15
CA ASN A 492 -0.43 -34.77 -25.87
C ASN A 492 -1.32 -35.53 -24.89
N ASN A 493 -2.63 -35.59 -25.11
CA ASN A 493 -3.49 -36.23 -24.11
C ASN A 493 -4.66 -36.99 -24.71
N THR A 494 -4.64 -37.31 -26.00
CA THR A 494 -5.65 -38.17 -26.60
C THR A 494 -4.96 -39.27 -27.40
N ASP A 495 -5.72 -40.34 -27.66
CA ASP A 495 -5.24 -41.44 -28.49
C ASP A 495 -4.93 -40.94 -29.91
N ARG A 496 -3.65 -40.95 -30.29
CA ARG A 496 -3.22 -40.28 -31.51
C ARG A 496 -3.69 -40.98 -32.78
N GLU A 497 -4.06 -42.26 -32.72
CA GLU A 497 -4.58 -42.95 -33.90
C GLU A 497 -6.09 -42.93 -33.94
N ARG A 498 -6.75 -42.31 -32.96
CA ARG A 498 -8.20 -42.19 -32.92
C ARG A 498 -8.69 -40.75 -32.99
N PHE A 499 -8.00 -39.83 -32.32
CA PHE A 499 -8.37 -38.42 -32.35
C PHE A 499 -7.58 -37.72 -33.45
N ARG A 500 -8.30 -37.13 -34.40
CA ARG A 500 -7.70 -36.37 -35.50
C ARG A 500 -8.17 -34.93 -35.38
N PHE A 501 -7.20 -34.00 -35.24
CA PHE A 501 -7.49 -32.57 -35.17
C PHE A 501 -7.20 -31.99 -36.54
N LEU A 502 -8.25 -31.80 -37.33
CA LEU A 502 -8.09 -31.35 -38.69
C LEU A 502 -7.84 -29.84 -38.74
N GLU A 503 -7.20 -29.41 -39.83
CA GLU A 503 -6.82 -28.01 -39.94
C GLU A 503 -8.03 -27.08 -39.98
N ASN A 504 -9.15 -27.56 -40.53
CA ASN A 504 -10.35 -26.73 -40.67
C ASN A 504 -11.18 -26.64 -39.39
N GLY A 505 -10.61 -27.01 -38.24
CA GLY A 505 -11.29 -26.88 -36.97
C GLY A 505 -12.07 -28.11 -36.53
N THR A 506 -12.24 -29.09 -37.40
CA THR A 506 -13.04 -30.26 -37.08
C THR A 506 -12.25 -31.24 -36.20
N LEU A 507 -12.93 -31.84 -35.24
CA LEU A 507 -12.38 -32.92 -34.43
C LEU A 507 -13.09 -34.22 -34.80
N GLU A 508 -12.32 -35.18 -35.29
CA GLU A 508 -12.83 -36.50 -35.68
C GLU A 508 -12.31 -37.54 -34.70
N ILE A 509 -13.22 -38.31 -34.13
CA ILE A 509 -12.89 -39.38 -33.20
C ILE A 509 -13.26 -40.71 -33.86
N ARG A 510 -12.26 -41.53 -34.17
CA ARG A 510 -12.48 -42.85 -34.75
C ARG A 510 -12.54 -43.91 -33.68
N ASN A 511 -13.28 -44.98 -33.97
CA ASN A 511 -13.48 -46.11 -33.05
C ASN A 511 -13.87 -45.63 -31.66
N VAL A 512 -15.07 -45.04 -31.61
CA VAL A 512 -15.53 -44.39 -30.39
C VAL A 512 -15.72 -45.41 -29.27
N GLN A 513 -15.25 -45.07 -28.08
CA GLN A 513 -15.40 -45.88 -26.89
C GLN A 513 -16.40 -45.23 -25.94
N VAL A 514 -16.82 -46.00 -24.94
CA VAL A 514 -17.82 -45.51 -24.00
C VAL A 514 -17.27 -44.35 -23.17
N GLU A 515 -15.96 -44.36 -22.88
CA GLU A 515 -15.39 -43.27 -22.11
C GLU A 515 -15.30 -41.98 -22.90
N ASP A 516 -15.33 -42.05 -24.24
CA ASP A 516 -15.27 -40.84 -25.06
C ASP A 516 -16.42 -39.89 -24.80
N GLU A 517 -17.51 -40.37 -24.22
CA GLU A 517 -18.68 -39.53 -23.98
C GLU A 517 -18.34 -38.42 -22.99
N GLY A 518 -19.14 -37.37 -23.03
CA GLY A 518 -18.96 -36.23 -22.17
C GLY A 518 -19.24 -34.95 -22.93
N SER A 519 -18.82 -33.83 -22.34
CA SER A 519 -19.07 -32.51 -22.88
C SER A 519 -17.81 -31.99 -23.56
N TYR A 520 -17.87 -31.82 -24.88
CA TYR A 520 -16.77 -31.27 -25.66
C TYR A 520 -17.05 -29.81 -25.98
N GLY A 521 -16.01 -28.99 -25.89
CA GLY A 521 -16.16 -27.57 -26.13
C GLY A 521 -15.17 -27.09 -27.16
N CYS A 522 -15.59 -26.08 -27.92
CA CYS A 522 -14.69 -25.33 -28.77
C CYS A 522 -14.61 -23.91 -28.25
N THR A 523 -13.41 -23.48 -27.93
CA THR A 523 -13.15 -22.09 -27.58
C THR A 523 -12.54 -21.39 -28.80
N ILE A 524 -13.11 -20.25 -29.16
CA ILE A 524 -12.60 -19.43 -30.25
C ILE A 524 -12.06 -18.15 -29.66
N GLY A 525 -10.86 -17.76 -30.06
CA GLY A 525 -10.24 -16.59 -29.47
C GLY A 525 -9.37 -15.81 -30.42
N ASN A 526 -9.35 -14.49 -30.21
CA ASN A 526 -8.34 -13.64 -30.83
C ASN A 526 -7.82 -12.67 -29.77
N SER A 527 -7.11 -11.63 -30.19
CA SER A 527 -6.62 -10.66 -29.22
C SER A 527 -7.74 -9.81 -28.63
N ALA A 528 -8.94 -9.85 -29.21
CA ALA A 528 -10.04 -9.01 -28.74
C ALA A 528 -10.92 -9.70 -27.70
N GLY A 529 -11.07 -11.02 -27.77
CA GLY A 529 -11.95 -11.70 -26.85
C GLY A 529 -12.03 -13.18 -27.12
N LEU A 530 -13.04 -13.79 -26.52
CA LEU A 530 -13.15 -15.24 -26.43
C LEU A 530 -14.62 -15.63 -26.41
N LYS A 531 -14.91 -16.81 -26.95
CA LYS A 531 -16.21 -17.44 -26.85
C LYS A 531 -16.02 -18.95 -26.78
N ARG A 532 -16.99 -19.62 -26.17
CA ARG A 532 -16.96 -21.08 -26.10
C ARG A 532 -18.36 -21.62 -26.31
N GLU A 533 -18.45 -22.73 -27.06
CA GLU A 533 -19.67 -23.48 -27.27
C GLU A 533 -19.36 -24.96 -27.07
N ASP A 534 -20.28 -25.68 -26.45
CA ASP A 534 -20.05 -27.09 -26.12
C ASP A 534 -21.14 -27.98 -26.71
N VAL A 535 -20.82 -29.27 -26.83
CA VAL A 535 -21.74 -30.27 -27.35
C VAL A 535 -21.58 -31.56 -26.54
N GLN A 536 -22.69 -32.26 -26.34
CA GLN A 536 -22.69 -33.54 -25.66
C GLN A 536 -22.44 -34.66 -26.67
N LEU A 537 -21.45 -35.50 -26.39
CA LEU A 537 -21.20 -36.72 -27.16
C LEU A 537 -21.79 -37.89 -26.40
N VAL A 538 -22.78 -38.54 -27.01
CA VAL A 538 -23.47 -39.68 -26.42
C VAL A 538 -23.03 -40.95 -27.14
N VAL A 539 -22.56 -41.93 -26.37
CA VAL A 539 -22.11 -43.21 -26.91
C VAL A 539 -23.12 -44.26 -26.48
N LYS A 540 -23.85 -44.81 -27.44
CA LYS A 540 -24.83 -45.86 -27.15
C LYS A 540 -24.13 -47.21 -27.02
N THR A 541 -24.52 -47.97 -26.02
CA THR A 541 -23.92 -49.29 -25.76
C THR A 541 -24.20 -50.25 -26.91
N ALA B 226 32.54 -11.65 42.38
CA ALA B 226 32.74 -12.10 41.01
C ALA B 226 33.42 -13.47 40.97
N LEU B 227 33.32 -14.13 39.81
CA LEU B 227 33.93 -15.43 39.60
C LEU B 227 35.43 -15.28 39.40
N PRO B 228 36.20 -16.34 39.64
CA PRO B 228 37.65 -16.25 39.42
C PRO B 228 37.97 -15.90 37.97
N ALA B 229 39.09 -15.19 37.79
CA ALA B 229 39.52 -14.84 36.45
C ALA B 229 39.87 -16.09 35.65
N ALA B 230 39.56 -16.05 34.36
CA ALA B 230 39.96 -17.10 33.45
C ALA B 230 41.46 -16.99 33.17
N PRO B 231 42.07 -18.04 32.62
CA PRO B 231 43.50 -17.96 32.31
C PRO B 231 43.85 -16.76 31.44
N GLU B 232 45.08 -16.27 31.60
CA GLU B 232 45.46 -14.99 31.02
C GLU B 232 45.42 -15.02 29.49
N ASP B 233 45.82 -16.14 28.88
CA ASP B 233 45.90 -16.21 27.43
C ASP B 233 44.53 -16.27 26.76
N LEU B 234 43.45 -16.47 27.50
CA LEU B 234 42.10 -16.39 26.93
C LEU B 234 41.71 -14.91 26.95
N ARG B 235 41.60 -14.31 25.77
CA ARG B 235 41.53 -12.86 25.67
C ARG B 235 40.68 -12.47 24.47
N ILE B 236 40.10 -11.27 24.56
CA ILE B 236 39.57 -10.58 23.38
C ILE B 236 40.72 -9.77 22.81
N VAL B 237 41.18 -10.14 21.62
CA VAL B 237 42.33 -9.48 21.01
C VAL B 237 41.96 -8.10 20.52
N GLN B 238 40.75 -7.95 19.97
CA GLN B 238 40.30 -6.65 19.48
C GLN B 238 38.79 -6.63 19.42
N GLY B 239 38.19 -5.60 20.01
CA GLY B 239 36.75 -5.44 20.01
C GLY B 239 36.27 -4.56 18.88
N PRO B 240 35.00 -4.16 18.94
CA PRO B 240 34.43 -3.37 17.85
C PRO B 240 34.97 -1.94 17.82
N ILE B 241 34.90 -1.32 16.63
CA ILE B 241 35.24 0.10 16.58
C ILE B 241 34.19 0.90 17.35
N GLY B 242 34.61 2.08 17.79
CA GLY B 242 33.76 2.86 18.69
C GLY B 242 32.50 3.39 18.05
N GLN B 243 32.53 3.68 16.74
CA GLN B 243 31.43 4.37 16.12
C GLN B 243 31.28 3.95 14.66
N SER B 244 30.08 3.52 14.29
CA SER B 244 29.76 3.17 12.92
C SER B 244 28.47 3.86 12.51
N ILE B 245 28.49 4.55 11.37
CA ILE B 245 27.31 5.20 10.81
C ILE B 245 27.09 4.59 9.43
N ILE B 246 26.05 3.77 9.30
CA ILE B 246 25.87 2.97 8.09
C ILE B 246 24.49 3.25 7.51
N LYS B 247 24.45 3.50 6.21
CA LYS B 247 23.19 3.68 5.49
C LYS B 247 22.37 2.39 5.52
N GLU B 248 21.08 2.53 5.79
CA GLU B 248 20.14 1.41 5.77
C GLU B 248 20.25 0.64 4.46
N GLY B 249 20.34 -0.69 4.57
CA GLY B 249 20.48 -1.54 3.40
C GLY B 249 21.90 -1.90 3.03
N GLU B 250 22.89 -1.26 3.64
CA GLU B 250 24.29 -1.58 3.35
C GLU B 250 24.84 -2.57 4.37
N PRO B 251 25.89 -3.32 4.01
CA PRO B 251 26.49 -4.26 4.95
C PRO B 251 27.65 -3.66 5.74
N THR B 252 27.87 -4.22 6.92
CA THR B 252 29.06 -3.97 7.71
C THR B 252 29.29 -5.16 8.63
N ALA B 253 30.36 -5.10 9.41
CA ALA B 253 30.70 -6.19 10.33
C ALA B 253 31.52 -5.64 11.49
N LEU B 254 31.17 -6.07 12.70
CA LEU B 254 31.85 -5.64 13.92
C LEU B 254 32.84 -6.70 14.38
N THR B 255 34.00 -6.25 14.84
CA THR B 255 35.12 -7.13 15.21
C THR B 255 35.01 -7.59 16.66
N CYS B 256 35.30 -8.87 16.88
CA CYS B 256 35.55 -9.41 18.23
C CYS B 256 36.56 -10.55 18.11
N LEU B 257 37.76 -10.22 17.64
CA LEU B 257 38.83 -11.21 17.55
C LEU B 257 39.19 -11.70 18.94
N TYR B 258 39.29 -13.02 19.09
CA TYR B 258 39.63 -13.63 20.36
C TYR B 258 40.87 -14.49 20.21
N GLU B 259 41.50 -14.78 21.35
CA GLU B 259 42.56 -15.76 21.45
C GLU B 259 42.08 -16.88 22.38
N LEU B 260 42.18 -18.11 21.91
CA LEU B 260 41.70 -19.27 22.66
C LEU B 260 42.83 -20.30 22.74
N PRO B 261 43.52 -20.37 23.87
CA PRO B 261 44.68 -21.27 23.98
C PRO B 261 44.31 -22.71 23.68
N ASP B 262 45.26 -23.45 23.10
CA ASP B 262 44.99 -24.82 22.70
C ASP B 262 44.55 -25.67 23.88
N GLU B 263 45.13 -25.43 25.06
CA GLU B 263 44.79 -26.23 26.24
C GLU B 263 43.35 -26.05 26.67
N LEU B 264 42.68 -24.99 26.22
CA LEU B 264 41.29 -24.72 26.60
C LEU B 264 40.29 -25.10 25.51
N LYS B 265 40.76 -25.70 24.40
CA LYS B 265 39.91 -25.82 23.22
C LYS B 265 38.69 -26.71 23.46
N ASN B 266 38.71 -27.58 24.47
CA ASN B 266 37.56 -28.42 24.76
C ASN B 266 36.76 -27.96 25.98
N GLN B 267 37.23 -26.93 26.69
CA GLN B 267 36.49 -26.34 27.77
C GLN B 267 35.18 -25.72 27.25
N ARG B 268 34.30 -25.39 28.18
CA ARG B 268 33.04 -24.74 27.86
C ARG B 268 33.28 -23.24 27.80
N ILE B 269 33.31 -22.69 26.59
CA ILE B 269 33.63 -21.28 26.37
C ILE B 269 32.62 -20.73 25.38
N GLN B 270 32.02 -19.59 25.73
CA GLN B 270 31.07 -18.91 24.87
C GLN B 270 31.57 -17.53 24.49
N LEU B 271 31.24 -17.12 23.27
CA LEU B 271 31.40 -15.75 22.81
C LEU B 271 30.03 -15.17 22.55
N ARG B 272 29.80 -13.95 22.99
CA ARG B 272 28.47 -13.37 22.96
C ARG B 272 28.54 -11.94 22.47
N TRP B 273 27.53 -11.53 21.73
CA TRP B 273 27.30 -10.12 21.41
C TRP B 273 26.05 -9.65 22.14
N ARG B 274 26.16 -8.52 22.79
CA ARG B 274 25.03 -7.86 23.42
C ARG B 274 24.74 -6.55 22.70
N LYS B 275 23.46 -6.21 22.63
CA LYS B 275 23.01 -4.97 22.04
C LYS B 275 22.15 -4.26 23.07
N ASP B 276 22.58 -3.05 23.45
CA ASP B 276 21.92 -2.28 24.50
C ASP B 276 21.74 -3.12 25.76
N GLY B 277 22.76 -3.91 26.08
CA GLY B 277 22.76 -4.72 27.28
C GLY B 277 22.03 -6.04 27.16
N LYS B 278 21.36 -6.33 26.04
CA LYS B 278 20.56 -7.53 25.88
C LYS B 278 21.26 -8.50 24.94
N LEU B 279 21.30 -9.78 25.34
CA LEU B 279 21.98 -10.79 24.56
C LEU B 279 21.40 -10.87 23.15
N LEU B 280 22.28 -10.72 22.15
CA LEU B 280 21.87 -10.72 20.76
C LEU B 280 22.26 -11.99 20.03
N ARG B 281 23.53 -12.39 20.10
CA ARG B 281 24.01 -13.63 19.50
C ARG B 281 24.98 -14.30 20.47
N GLN B 282 25.08 -15.62 20.36
CA GLN B 282 25.92 -16.43 21.24
C GLN B 282 26.36 -17.67 20.49
N VAL B 283 27.65 -18.02 20.61
CA VAL B 283 28.19 -19.24 20.01
C VAL B 283 29.09 -19.95 21.00
N GLU B 284 29.20 -21.26 20.84
CA GLU B 284 30.17 -22.07 21.59
C GLU B 284 31.50 -22.02 20.85
N LEU B 285 32.56 -21.61 21.55
CA LEU B 285 33.90 -21.61 20.97
C LEU B 285 34.71 -22.84 21.35
N GLY B 286 34.40 -23.48 22.47
CA GLY B 286 35.15 -24.63 22.90
C GLY B 286 34.40 -25.91 22.60
N GLY B 287 34.33 -26.79 23.58
CA GLY B 287 33.59 -28.02 23.40
C GLY B 287 32.09 -27.82 23.59
N SER B 288 31.32 -28.66 22.89
CA SER B 288 29.87 -28.55 22.93
C SER B 288 29.34 -28.81 24.34
N ALA B 289 28.13 -28.32 24.60
CA ALA B 289 27.50 -28.53 25.89
C ALA B 289 27.21 -30.02 26.10
N PRO B 290 27.37 -30.53 27.32
CA PRO B 290 27.08 -31.94 27.64
C PRO B 290 25.63 -32.32 27.38
N ARG B 305 16.29 -14.09 5.51
CA ARG B 305 15.83 -14.30 6.89
C ARG B 305 16.77 -13.65 7.90
N GLU B 306 16.28 -13.49 9.13
CA GLU B 306 17.01 -12.68 10.11
C GLU B 306 18.25 -13.39 10.63
N ASP B 307 18.17 -14.71 10.84
CA ASP B 307 19.36 -15.42 11.29
C ASP B 307 20.41 -15.54 10.20
N ALA B 308 20.07 -15.21 8.95
CA ALA B 308 21.06 -15.08 7.89
C ALA B 308 21.49 -13.64 7.65
N ARG B 309 20.63 -12.68 7.98
CA ARG B 309 21.01 -11.27 7.84
C ARG B 309 22.05 -10.88 8.87
N LEU B 310 21.89 -11.35 10.10
CA LEU B 310 22.73 -10.98 11.24
C LEU B 310 23.35 -12.26 11.79
N VAL B 311 24.66 -12.42 11.60
CA VAL B 311 25.34 -13.68 11.88
C VAL B 311 26.55 -13.42 12.77
N LEU B 312 26.70 -14.23 13.80
CA LEU B 312 27.92 -14.28 14.60
C LEU B 312 28.81 -15.40 14.07
N HIS B 313 30.00 -15.05 13.59
CA HIS B 313 30.90 -16.02 13.00
C HIS B 313 31.80 -16.61 14.08
N LYS B 314 31.78 -17.94 14.19
CA LYS B 314 32.49 -18.63 15.27
C LYS B 314 34.00 -18.55 15.09
N GLN B 315 34.48 -18.59 13.85
CA GLN B 315 35.91 -18.68 13.61
C GLN B 315 36.66 -17.46 14.12
N ASN B 316 36.04 -16.26 14.06
CA ASN B 316 36.77 -15.09 14.51
C ASN B 316 35.93 -14.08 15.27
N GLY B 317 34.71 -14.42 15.71
CA GLY B 317 33.92 -13.56 16.55
C GLY B 317 33.22 -12.41 15.86
N THR B 318 33.34 -12.30 14.53
CA THR B 318 32.75 -11.19 13.80
C THR B 318 31.22 -11.26 13.83
N LEU B 319 30.59 -10.12 14.09
CA LEU B 319 29.14 -9.99 13.98
C LEU B 319 28.85 -9.25 12.67
N SER B 320 28.35 -9.97 11.68
CA SER B 320 28.14 -9.43 10.34
C SER B 320 26.68 -9.05 10.12
N PHE B 321 26.47 -7.89 9.50
CA PHE B 321 25.15 -7.38 9.13
C PHE B 321 25.09 -7.40 7.60
N ALA B 322 24.29 -8.31 7.04
CA ALA B 322 24.21 -8.38 5.59
C ALA B 322 23.56 -7.14 5.01
N SER B 323 22.59 -6.56 5.73
CA SER B 323 21.82 -5.43 5.24
C SER B 323 21.30 -4.69 6.47
N ILE B 324 21.89 -3.53 6.76
CA ILE B 324 21.53 -2.78 7.97
C ILE B 324 20.08 -2.35 7.89
N ILE B 325 19.35 -2.53 9.00
CA ILE B 325 18.01 -1.99 9.15
C ILE B 325 18.04 -1.01 10.33
N ALA B 326 16.99 -0.18 10.41
CA ALA B 326 17.00 0.93 11.36
C ALA B 326 17.14 0.43 12.80
N SER B 327 16.48 -0.67 13.14
CA SER B 327 16.51 -1.17 14.52
C SER B 327 17.84 -1.78 14.90
N ASP B 328 18.79 -1.92 13.95
CA ASP B 328 20.14 -2.31 14.30
C ASP B 328 20.87 -1.26 15.12
N ALA B 329 20.40 -0.01 15.10
CA ALA B 329 21.05 1.06 15.84
C ALA B 329 21.10 0.72 17.32
N GLY B 330 22.22 1.02 17.95
CA GLY B 330 22.39 0.76 19.36
C GLY B 330 23.84 0.57 19.72
N GLN B 331 24.06 0.14 20.96
CA GLN B 331 25.39 -0.01 21.52
C GLN B 331 25.73 -1.48 21.59
N TYR B 332 26.86 -1.85 20.99
CA TYR B 332 27.26 -3.24 20.85
C TYR B 332 28.49 -3.53 21.70
N GLN B 333 28.51 -4.72 22.27
CA GLN B 333 29.60 -5.14 23.12
C GLN B 333 29.71 -6.64 23.04
N CYS B 334 30.92 -7.15 22.89
CA CYS B 334 31.12 -8.58 22.85
C CYS B 334 31.74 -9.06 24.16
N GLN B 335 31.50 -10.33 24.46
CA GLN B 335 31.82 -10.89 25.76
C GLN B 335 32.28 -12.33 25.57
N LEU B 336 33.36 -12.69 26.24
CA LEU B 336 33.97 -14.01 26.16
C LEU B 336 34.04 -14.60 27.56
N GLN B 337 33.56 -15.83 27.74
CA GLN B 337 33.50 -16.39 29.09
C GLN B 337 33.82 -17.87 29.10
N LEU B 338 34.81 -18.25 29.90
CA LEU B 338 35.00 -19.63 30.32
C LEU B 338 34.04 -19.92 31.46
N GLU B 339 33.33 -21.05 31.36
CA GLU B 339 32.35 -21.42 32.38
C GLU B 339 32.97 -21.38 33.76
N ALA B 340 32.19 -20.89 34.73
CA ALA B 340 32.60 -20.73 36.13
C ALA B 340 33.72 -19.72 36.30
N HIS B 341 34.01 -18.92 35.28
CA HIS B 341 35.00 -17.86 35.40
C HIS B 341 34.40 -16.54 34.95
N ALA B 342 35.01 -15.45 35.41
CA ALA B 342 34.46 -14.13 35.14
C ALA B 342 34.51 -13.84 33.65
N PRO B 343 33.44 -13.31 33.07
CA PRO B 343 33.47 -13.00 31.64
C PRO B 343 34.44 -11.88 31.31
N ILE B 344 34.98 -11.92 30.10
CA ILE B 344 35.84 -10.89 29.55
C ILE B 344 34.99 -10.02 28.64
N ASN B 345 35.08 -8.70 28.81
CA ASN B 345 34.21 -7.77 28.09
C ASN B 345 35.03 -6.88 27.17
N SER B 346 34.52 -6.68 25.95
CA SER B 346 35.16 -5.75 25.04
C SER B 346 34.75 -4.32 25.38
N SER B 347 35.44 -3.36 24.76
CA SER B 347 34.94 -2.01 24.74
C SER B 347 33.62 -1.95 23.96
N PRO B 348 32.69 -1.11 24.37
CA PRO B 348 31.44 -0.97 23.60
C PRO B 348 31.66 -0.15 22.34
N GLY B 349 30.77 -0.37 21.38
CA GLY B 349 30.78 0.38 20.14
C GLY B 349 29.37 0.76 19.75
N ILE B 350 29.26 1.92 19.12
CA ILE B 350 27.96 2.49 18.73
C ILE B 350 27.74 2.24 17.24
N LEU B 351 26.54 1.76 16.90
CA LEU B 351 26.08 1.68 15.53
C LEU B 351 24.92 2.64 15.35
N GLU B 352 25.06 3.58 14.43
CA GLU B 352 23.97 4.47 14.05
C GLU B 352 23.61 4.20 12.59
N VAL B 353 22.33 4.38 12.26
CA VAL B 353 21.80 4.04 10.94
C VAL B 353 21.34 5.32 10.25
N ILE B 354 21.74 5.48 8.99
CA ILE B 354 21.20 6.55 8.15
C ILE B 354 19.89 6.03 7.57
N GLU B 355 18.78 6.49 8.13
CA GLU B 355 17.47 5.90 7.88
C GLU B 355 16.81 6.53 6.66
N GLN B 356 16.11 5.69 5.91
CA GLN B 356 15.22 6.19 4.87
C GLN B 356 14.02 6.88 5.50
N LEU B 357 13.56 7.93 4.84
CA LEU B 357 12.37 8.65 5.28
C LEU B 357 11.14 7.79 4.97
N LYS B 358 10.52 7.21 6.00
CA LYS B 358 9.33 6.42 5.80
C LYS B 358 8.57 6.29 7.11
N PHE B 359 7.27 6.03 7.00
CA PHE B 359 6.44 5.80 8.16
C PHE B 359 6.67 4.40 8.69
N VAL B 360 6.88 4.28 10.00
CA VAL B 360 7.08 2.97 10.64
C VAL B 360 6.31 2.95 11.96
N PRO B 361 5.10 2.38 12.00
CA PRO B 361 4.43 1.83 10.83
C PRO B 361 3.59 2.89 10.13
N GLN B 362 2.95 2.50 9.03
CA GLN B 362 2.04 3.40 8.34
C GLN B 362 0.90 3.80 9.28
N PRO B 363 0.57 5.09 9.39
CA PRO B 363 -0.57 5.47 10.24
C PRO B 363 -1.86 4.91 9.68
N THR B 364 -2.83 4.69 10.57
CA THR B 364 -4.06 4.00 10.21
C THR B 364 -5.27 4.83 10.56
N SER B 365 -6.37 4.57 9.84
CA SER B 365 -7.64 5.23 10.13
C SER B 365 -8.14 4.83 11.51
N LYS B 366 -8.94 5.70 12.11
CA LYS B 366 -9.38 5.53 13.49
C LYS B 366 -10.86 5.86 13.62
N ASN B 367 -11.55 5.11 14.47
CA ASN B 367 -12.90 5.41 14.89
C ASN B 367 -12.84 5.99 16.29
N LEU B 368 -13.09 7.30 16.41
CA LEU B 368 -13.05 7.98 17.68
C LEU B 368 -14.40 7.88 18.38
N GLU B 369 -14.36 7.66 19.68
CA GLU B 369 -15.58 7.53 20.47
C GLU B 369 -16.13 8.92 20.78
N LEU B 370 -17.38 9.17 20.40
CA LEU B 370 -18.03 10.44 20.71
C LEU B 370 -17.94 10.72 22.20
N ASP B 371 -17.64 11.98 22.53
CA ASP B 371 -17.57 12.51 23.90
C ASP B 371 -16.38 11.98 24.68
N ALA B 372 -15.42 11.32 24.03
CA ALA B 372 -14.22 10.88 24.73
C ALA B 372 -13.37 12.08 25.13
N VAL B 373 -12.85 12.06 26.35
CA VAL B 373 -12.06 13.19 26.85
C VAL B 373 -10.77 13.33 26.04
N VAL B 374 -10.13 12.21 25.71
CA VAL B 374 -8.92 12.20 24.89
C VAL B 374 -9.02 11.07 23.88
N ALA B 375 -8.55 11.33 22.66
CA ALA B 375 -8.43 10.32 21.63
C ALA B 375 -7.20 10.66 20.79
N LYS B 376 -6.29 9.71 20.64
CA LYS B 376 -5.00 9.96 20.03
C LYS B 376 -4.80 9.10 18.79
N VAL B 377 -4.22 9.71 17.77
CA VAL B 377 -3.80 9.01 16.55
C VAL B 377 -2.31 9.26 16.37
N HIS B 378 -1.53 8.19 16.43
CA HIS B 378 -0.08 8.33 16.34
C HIS B 378 0.37 8.37 14.90
N CYS B 379 1.52 9.01 14.69
CA CYS B 379 2.20 9.00 13.40
C CYS B 379 3.69 8.99 13.69
N LYS B 380 4.33 7.87 13.40
CA LYS B 380 5.75 7.69 13.69
C LYS B 380 6.49 7.54 12.38
N ALA B 381 7.56 8.30 12.21
CA ALA B 381 8.35 8.29 10.99
C ALA B 381 9.81 8.12 11.35
N GLN B 382 10.51 7.34 10.55
CA GLN B 382 11.96 7.27 10.61
C GLN B 382 12.53 8.12 9.49
N GLY B 383 13.82 8.38 9.56
CA GLY B 383 14.51 9.13 8.54
C GLY B 383 15.69 9.85 9.12
N THR B 384 16.65 10.17 8.25
CA THR B 384 17.85 10.89 8.62
C THR B 384 18.01 12.08 7.67
N PRO B 385 18.01 13.32 8.16
CA PRO B 385 17.83 13.66 9.58
C PRO B 385 16.43 13.33 10.09
N THR B 386 16.29 13.28 11.41
CA THR B 386 15.03 12.93 12.04
C THR B 386 13.93 13.88 11.56
N PRO B 387 12.81 13.34 11.09
CA PRO B 387 11.79 14.21 10.48
C PRO B 387 10.88 14.88 11.50
N GLN B 388 10.43 16.08 11.11
CA GLN B 388 9.34 16.76 11.78
C GLN B 388 8.01 16.16 11.32
N VAL B 389 7.15 15.82 12.27
CA VAL B 389 5.84 15.25 11.96
C VAL B 389 4.79 16.32 12.20
N GLN B 390 3.93 16.54 11.19
CA GLN B 390 2.84 17.50 11.26
C GLN B 390 1.56 16.85 10.78
N TRP B 391 0.43 17.36 11.27
CA TRP B 391 -0.89 16.93 10.84
C TRP B 391 -1.63 18.11 10.22
N VAL B 392 -2.34 17.84 9.12
CA VAL B 392 -3.24 18.81 8.50
C VAL B 392 -4.54 18.09 8.19
N ARG B 393 -5.60 18.88 8.04
CA ARG B 393 -6.86 18.35 7.54
C ARG B 393 -6.83 18.31 6.02
N ASP B 394 -7.38 17.25 5.45
CA ASP B 394 -7.41 17.05 4.01
C ASP B 394 -8.74 17.55 3.46
N GLY B 395 -8.69 18.51 2.54
CA GLY B 395 -9.87 18.99 1.87
C GLY B 395 -9.87 20.49 1.76
N GLU B 396 -11.08 21.04 1.68
CA GLU B 396 -11.25 22.48 1.44
C GLU B 396 -10.58 23.32 2.52
N ASN B 397 -10.82 22.96 3.79
CA ASN B 397 -10.22 23.64 4.92
C ASN B 397 -9.16 22.73 5.52
N THR B 398 -7.91 23.19 5.50
CA THR B 398 -6.77 22.36 5.89
C THR B 398 -6.35 22.55 7.35
N THR B 399 -6.82 23.60 8.01
CA THR B 399 -6.48 23.79 9.42
C THR B 399 -7.27 22.82 10.28
N LEU B 400 -6.62 22.31 11.33
CA LEU B 400 -7.26 21.33 12.19
C LEU B 400 -8.45 21.96 12.91
N PRO B 401 -9.54 21.22 13.07
CA PRO B 401 -10.70 21.78 13.78
C PRO B 401 -10.35 22.12 15.23
N ASP B 402 -11.26 22.85 15.87
CA ASP B 402 -11.03 23.30 17.23
C ASP B 402 -11.00 22.12 18.19
N HIS B 403 -10.14 22.23 19.21
CA HIS B 403 -9.86 21.19 20.20
C HIS B 403 -9.09 20.01 19.61
N VAL B 404 -8.40 20.22 18.50
CA VAL B 404 -7.48 19.25 17.93
C VAL B 404 -6.09 19.85 17.93
N GLU B 405 -5.10 19.09 18.41
CA GLU B 405 -3.74 19.57 18.52
C GLU B 405 -2.79 18.44 18.17
N VAL B 406 -1.55 18.79 17.84
CA VAL B 406 -0.52 17.83 17.50
C VAL B 406 0.52 17.78 18.61
N ASP B 407 0.80 16.57 19.09
CA ASP B 407 1.75 16.33 20.15
C ASP B 407 3.17 16.73 19.71
N ALA B 408 4.08 16.76 20.68
CA ALA B 408 5.50 16.88 20.37
C ALA B 408 6.07 15.59 19.78
N ASN B 409 5.34 14.49 19.87
CA ASN B 409 5.67 13.26 19.16
C ASN B 409 4.96 13.15 17.83
N GLY B 410 4.35 14.23 17.35
CA GLY B 410 3.54 14.15 16.15
C GLY B 410 2.30 13.31 16.32
N THR B 411 1.79 13.18 17.54
CA THR B 411 0.56 12.44 17.79
C THR B 411 -0.62 13.39 17.70
N LEU B 412 -1.60 13.02 16.88
CA LEU B 412 -2.82 13.81 16.72
C LEU B 412 -3.73 13.55 17.91
N ILE B 413 -4.06 14.60 18.66
CA ILE B 413 -4.80 14.48 19.91
C ILE B 413 -6.16 15.16 19.75
N PHE B 414 -7.22 14.39 19.95
CA PHE B 414 -8.58 14.90 19.95
C PHE B 414 -9.08 14.99 21.39
N ARG B 415 -9.65 16.13 21.75
CA ARG B 415 -10.17 16.37 23.08
C ARG B 415 -11.66 16.66 23.01
N ASN B 416 -12.44 16.02 23.88
CA ASN B 416 -13.91 16.10 23.88
C ASN B 416 -14.45 15.85 22.47
N VAL B 417 -14.27 14.59 22.04
CA VAL B 417 -14.58 14.19 20.67
C VAL B 417 -16.03 14.54 20.35
N ASN B 418 -16.21 15.32 19.29
CA ASN B 418 -17.53 15.72 18.82
C ASN B 418 -17.61 15.52 17.32
N SER B 419 -18.79 15.78 16.75
CA SER B 419 -19.03 15.46 15.35
C SER B 419 -18.15 16.26 14.41
N GLU B 420 -17.76 17.48 14.79
CA GLU B 420 -16.95 18.31 13.91
C GLU B 420 -15.54 17.78 13.71
N HIS B 421 -15.09 16.85 14.55
CA HIS B 421 -13.74 16.29 14.41
C HIS B 421 -13.62 15.30 13.26
N ARG B 422 -14.74 14.76 12.78
CA ARG B 422 -14.71 13.80 11.68
C ARG B 422 -14.13 14.42 10.43
N GLY B 423 -13.26 13.67 9.75
CA GLY B 423 -12.70 14.13 8.50
C GLY B 423 -11.51 13.28 8.11
N ASN B 424 -10.93 13.66 6.97
CA ASN B 424 -9.71 13.04 6.48
C ASN B 424 -8.52 13.89 6.91
N TYR B 425 -7.52 13.25 7.51
CA TYR B 425 -6.36 13.93 8.08
C TYR B 425 -5.11 13.36 7.45
N THR B 426 -4.15 14.23 7.17
CA THR B 426 -2.90 13.84 6.53
C THR B 426 -1.75 14.08 7.48
N CYS B 427 -0.94 13.04 7.70
CA CYS B 427 0.29 13.19 8.46
C CYS B 427 1.43 13.44 7.49
N LEU B 428 2.25 14.43 7.80
CA LEU B 428 3.41 14.76 6.98
C LEU B 428 4.68 14.58 7.80
N ALA B 429 5.70 13.96 7.21
CA ALA B 429 7.01 13.84 7.83
C ALA B 429 8.01 14.53 6.93
N THR B 430 8.71 15.52 7.47
CA THR B 430 9.56 16.39 6.67
C THR B 430 10.94 16.48 7.29
N ASN B 431 11.98 16.32 6.46
CA ASN B 431 13.33 16.67 6.88
C ASN B 431 13.95 17.49 5.75
N SER B 432 15.28 17.49 5.69
CA SER B 432 15.98 18.29 4.69
C SER B 432 16.06 17.59 3.34
N GLN B 433 15.75 16.30 3.28
CA GLN B 433 15.90 15.50 2.08
C GLN B 433 14.59 15.22 1.35
N GLY B 434 13.46 15.29 2.05
CA GLY B 434 12.21 14.97 1.41
C GLY B 434 11.06 15.16 2.38
N GLN B 435 9.87 14.82 1.89
CA GLN B 435 8.65 14.88 2.66
C GLN B 435 7.75 13.74 2.23
N ILE B 436 7.15 13.06 3.20
CA ILE B 436 6.21 11.97 2.93
C ILE B 436 4.90 12.32 3.60
N ASN B 437 3.84 11.68 3.14
CA ASN B 437 2.52 11.96 3.69
C ASN B 437 1.66 10.71 3.62
N ALA B 438 0.71 10.63 4.55
CA ALA B 438 -0.23 9.53 4.63
C ALA B 438 -1.55 10.10 5.12
N THR B 439 -2.64 9.75 4.45
CA THR B 439 -3.96 10.24 4.78
C THR B 439 -4.77 9.13 5.42
N VAL B 440 -5.37 9.43 6.56
CA VAL B 440 -6.23 8.47 7.26
C VAL B 440 -7.61 9.12 7.44
N ALA B 441 -8.63 8.27 7.47
CA ALA B 441 -9.98 8.72 7.78
C ALA B 441 -10.19 8.66 9.28
N ILE B 442 -10.66 9.77 9.85
CA ILE B 442 -11.05 9.83 11.26
C ILE B 442 -12.57 9.94 11.30
N ASN B 443 -13.21 8.94 11.90
CA ASN B 443 -14.65 8.96 12.09
C ASN B 443 -14.98 9.06 13.57
N VAL B 444 -16.14 9.63 13.87
CA VAL B 444 -16.65 9.75 15.22
C VAL B 444 -17.81 8.77 15.36
N VAL B 445 -17.68 7.81 16.27
CA VAL B 445 -18.66 6.73 16.40
C VAL B 445 -19.09 6.60 17.85
N VAL B 446 -20.19 5.89 18.04
CA VAL B 446 -20.58 5.33 19.32
C VAL B 446 -20.45 3.82 19.20
N THR B 447 -19.55 3.25 19.98
CA THR B 447 -19.43 1.80 20.03
C THR B 447 -20.77 1.19 20.44
N PRO B 448 -21.19 0.08 19.84
CA PRO B 448 -22.47 -0.53 20.22
C PRO B 448 -22.52 -0.84 21.71
N LYS B 449 -23.66 -0.53 22.32
CA LYS B 449 -23.93 -0.84 23.70
C LYS B 449 -25.29 -1.51 23.80
N PHE B 450 -25.38 -2.56 24.60
CA PHE B 450 -26.66 -3.21 24.85
C PHE B 450 -27.55 -2.25 25.64
N SER B 451 -28.71 -1.92 25.08
CA SER B 451 -29.73 -1.20 25.82
C SER B 451 -30.72 -2.15 26.49
N VAL B 452 -31.05 -3.25 25.83
CA VAL B 452 -31.79 -4.34 26.46
C VAL B 452 -30.99 -5.61 26.19
N PRO B 453 -30.01 -5.94 27.04
CA PRO B 453 -29.28 -7.18 26.82
C PRO B 453 -30.17 -8.39 27.07
N PRO B 454 -29.83 -9.54 26.51
CA PRO B 454 -30.52 -10.77 26.90
C PRO B 454 -30.28 -11.05 28.37
N VAL B 455 -31.28 -11.63 29.03
CA VAL B 455 -31.19 -11.96 30.45
C VAL B 455 -31.49 -13.44 30.62
N GLY B 456 -30.62 -14.13 31.36
CA GLY B 456 -30.76 -15.55 31.57
C GLY B 456 -30.33 -15.96 32.97
N PRO B 457 -30.42 -17.26 33.28
CA PRO B 457 -30.89 -18.34 32.39
C PRO B 457 -32.40 -18.32 32.16
N ILE B 458 -32.84 -19.06 31.15
CA ILE B 458 -34.25 -19.15 30.79
C ILE B 458 -34.68 -20.61 30.93
N GLU B 459 -35.48 -20.89 31.94
CA GLU B 459 -36.00 -22.24 32.19
C GLU B 459 -37.44 -22.30 31.68
N THR B 460 -37.69 -23.21 30.75
CA THR B 460 -38.99 -23.32 30.12
C THR B 460 -39.39 -24.78 29.97
N SER B 461 -40.68 -24.99 29.76
CA SER B 461 -41.21 -26.32 29.49
C SER B 461 -41.26 -26.56 27.99
N GLU B 462 -41.37 -27.84 27.63
CA GLU B 462 -41.36 -28.25 26.23
C GLU B 462 -42.68 -27.91 25.56
N GLN B 463 -42.63 -27.71 24.25
CA GLN B 463 -43.79 -27.31 23.45
C GLN B 463 -44.37 -26.00 23.97
N GLY B 464 -43.47 -25.02 24.21
CA GLY B 464 -43.87 -23.71 24.65
C GLY B 464 -43.23 -22.63 23.78
N THR B 465 -43.49 -21.39 24.17
CA THR B 465 -42.93 -20.23 23.50
C THR B 465 -42.04 -19.47 24.48
N VAL B 466 -40.80 -19.22 24.08
CA VAL B 466 -39.84 -18.47 24.88
C VAL B 466 -39.42 -17.25 24.11
N VAL B 467 -38.99 -16.23 24.84
CA VAL B 467 -38.57 -14.96 24.25
C VAL B 467 -37.17 -14.62 24.76
N MET B 468 -36.32 -14.15 23.86
CA MET B 468 -35.01 -13.63 24.19
C MET B 468 -34.88 -12.26 23.55
N HIS B 469 -34.57 -11.25 24.36
CA HIS B 469 -34.53 -9.89 23.89
C HIS B 469 -33.10 -9.45 23.62
N CYS B 470 -32.95 -8.49 22.71
CA CYS B 470 -31.64 -7.90 22.44
C CYS B 470 -31.86 -6.61 21.66
N GLN B 471 -31.54 -5.48 22.30
CA GLN B 471 -31.54 -4.20 21.63
C GLN B 471 -30.25 -3.48 21.97
N ALA B 472 -29.86 -2.56 21.08
CA ALA B 472 -28.58 -1.88 21.22
C ALA B 472 -28.71 -0.45 20.72
N ILE B 473 -27.84 0.41 21.25
CA ILE B 473 -27.64 1.74 20.71
C ILE B 473 -26.23 1.78 20.10
N GLY B 474 -25.97 2.83 19.34
CA GLY B 474 -24.68 3.00 18.71
C GLY B 474 -24.82 3.81 17.44
N ASP B 475 -23.70 4.40 17.01
CA ASP B 475 -23.63 5.19 15.79
C ASP B 475 -22.42 4.70 15.01
N PRO B 476 -22.61 4.11 13.81
CA PRO B 476 -23.87 3.88 13.10
C PRO B 476 -24.80 2.89 13.80
N LYS B 477 -26.06 2.86 13.39
CA LYS B 477 -27.06 2.01 14.00
C LYS B 477 -26.57 0.55 14.02
N PRO B 478 -26.46 -0.07 15.19
CA PRO B 478 -25.91 -1.42 15.25
C PRO B 478 -26.86 -2.45 14.66
N THR B 479 -26.27 -3.55 14.21
CA THR B 479 -27.02 -4.70 13.75
C THR B 479 -27.06 -5.76 14.84
N ILE B 480 -28.15 -6.52 14.87
CA ILE B 480 -28.36 -7.56 15.88
C ILE B 480 -28.33 -8.91 15.17
N GLN B 481 -27.54 -9.84 15.72
CA GLN B 481 -27.39 -11.17 15.13
C GLN B 481 -27.45 -12.21 16.24
N TRP B 482 -28.42 -13.11 16.15
CA TRP B 482 -28.54 -14.20 17.10
C TRP B 482 -27.72 -15.41 16.66
N ASP B 483 -27.14 -16.10 17.63
CA ASP B 483 -26.43 -17.34 17.39
C ASP B 483 -26.82 -18.34 18.48
N LYS B 484 -26.75 -19.63 18.13
CA LYS B 484 -26.91 -20.71 19.10
C LYS B 484 -25.61 -21.49 19.14
N ASP B 485 -24.92 -21.43 20.27
CA ASP B 485 -23.65 -22.13 20.46
C ASP B 485 -22.65 -21.77 19.35
N LEU B 486 -22.58 -20.46 19.06
CA LEU B 486 -21.68 -19.84 18.09
C LEU B 486 -22.05 -20.12 16.64
N LYS B 487 -23.21 -20.75 16.39
CA LYS B 487 -23.73 -20.93 15.04
C LYS B 487 -24.72 -19.81 14.76
N TYR B 488 -24.37 -18.94 13.83
CA TYR B 488 -25.22 -17.80 13.50
C TYR B 488 -26.55 -18.28 12.95
N LEU B 489 -27.64 -17.87 13.59
CA LEU B 489 -28.98 -18.27 13.19
C LEU B 489 -29.55 -17.31 12.17
N SER B 490 -30.29 -17.85 11.22
CA SER B 490 -30.99 -17.06 10.21
C SER B 490 -32.21 -17.84 9.77
N GLU B 491 -32.81 -17.43 8.66
CA GLU B 491 -33.98 -18.11 8.13
C GLU B 491 -33.62 -19.29 7.23
N ASN B 492 -32.34 -19.47 6.92
CA ASN B 492 -31.90 -20.60 6.12
C ASN B 492 -31.61 -21.84 6.95
N ASN B 493 -31.19 -21.66 8.21
CA ASN B 493 -30.76 -22.77 9.05
C ASN B 493 -31.64 -22.97 10.28
N THR B 494 -32.83 -22.38 10.29
CA THR B 494 -33.78 -22.58 11.38
C THR B 494 -35.17 -22.78 10.78
N ASP B 495 -36.05 -23.38 11.58
CA ASP B 495 -37.45 -23.51 11.20
C ASP B 495 -38.04 -22.13 10.96
N ARG B 496 -38.62 -21.93 9.77
CA ARG B 496 -39.07 -20.61 9.37
C ARG B 496 -40.31 -20.15 10.14
N GLU B 497 -41.06 -21.08 10.74
CA GLU B 497 -42.27 -20.73 11.48
C GLU B 497 -42.11 -20.85 12.99
N ARG B 498 -41.08 -21.55 13.48
CA ARG B 498 -40.85 -21.72 14.90
C ARG B 498 -39.85 -20.73 15.48
N PHE B 499 -38.95 -20.20 14.65
CA PHE B 499 -37.97 -19.21 15.09
C PHE B 499 -38.34 -17.86 14.46
N ARG B 500 -38.79 -16.93 15.30
CA ARG B 500 -39.29 -15.64 14.85
C ARG B 500 -38.27 -14.56 15.18
N PHE B 501 -37.70 -13.95 14.14
CA PHE B 501 -36.75 -12.85 14.29
C PHE B 501 -37.54 -11.56 14.16
N LEU B 502 -37.95 -11.00 15.29
CA LEU B 502 -38.76 -9.80 15.30
C LEU B 502 -37.91 -8.57 14.98
N GLU B 503 -38.60 -7.49 14.60
CA GLU B 503 -37.89 -6.28 14.17
C GLU B 503 -37.13 -5.63 15.32
N ASN B 504 -37.65 -5.72 16.54
CA ASN B 504 -37.01 -5.09 17.69
C ASN B 504 -35.88 -5.94 18.26
N GLY B 505 -35.44 -6.98 17.55
CA GLY B 505 -34.32 -7.79 17.97
C GLY B 505 -34.66 -9.00 18.81
N THR B 506 -35.92 -9.18 19.17
CA THR B 506 -36.30 -10.34 19.97
C THR B 506 -36.19 -11.62 19.13
N LEU B 507 -35.72 -12.69 19.77
CA LEU B 507 -35.77 -14.02 19.20
C LEU B 507 -36.89 -14.78 19.88
N GLU B 508 -37.91 -15.18 19.11
CA GLU B 508 -39.04 -15.94 19.62
C GLU B 508 -38.94 -17.37 19.11
N ILE B 509 -38.95 -18.33 20.02
CA ILE B 509 -38.84 -19.74 19.68
C ILE B 509 -40.20 -20.38 20.01
N ARG B 510 -40.99 -20.64 18.97
CA ARG B 510 -42.27 -21.32 19.12
C ARG B 510 -42.08 -22.82 19.03
N ASN B 511 -43.00 -23.54 19.67
CA ASN B 511 -42.96 -25.01 19.72
C ASN B 511 -41.60 -25.50 20.21
N VAL B 512 -41.28 -25.08 21.43
CA VAL B 512 -39.96 -25.35 22.00
C VAL B 512 -39.71 -26.85 22.09
N GLN B 513 -38.52 -27.27 21.67
CA GLN B 513 -38.11 -28.67 21.69
C GLN B 513 -36.91 -28.85 22.60
N VAL B 514 -36.59 -30.11 22.89
CA VAL B 514 -35.43 -30.42 23.72
C VAL B 514 -34.13 -30.19 22.97
N GLU B 515 -34.16 -30.20 21.64
CA GLU B 515 -32.97 -29.89 20.85
C GLU B 515 -32.66 -28.41 20.85
N ASP B 516 -33.58 -27.56 21.30
CA ASP B 516 -33.39 -26.12 21.25
C ASP B 516 -32.52 -25.59 22.39
N GLU B 517 -32.38 -26.35 23.48
CA GLU B 517 -31.62 -25.86 24.62
C GLU B 517 -30.15 -25.69 24.25
N GLY B 518 -29.48 -24.80 24.95
CA GLY B 518 -28.11 -24.46 24.67
C GLY B 518 -27.85 -23.00 25.00
N SER B 519 -26.71 -22.50 24.54
CA SER B 519 -26.28 -21.13 24.78
C SER B 519 -26.63 -20.28 23.58
N TYR B 520 -27.51 -19.30 23.77
CA TYR B 520 -27.91 -18.38 22.72
C TYR B 520 -27.23 -17.04 22.94
N GLY B 521 -26.55 -16.55 21.92
CA GLY B 521 -25.83 -15.28 21.98
C GLY B 521 -26.43 -14.25 21.06
N CYS B 522 -26.45 -13.00 21.51
CA CYS B 522 -26.76 -11.87 20.65
C CYS B 522 -25.49 -11.08 20.40
N THR B 523 -25.19 -10.85 19.13
CA THR B 523 -24.05 -10.05 18.73
C THR B 523 -24.54 -8.74 18.13
N ILE B 524 -24.09 -7.63 18.72
CA ILE B 524 -24.39 -6.30 18.20
C ILE B 524 -23.12 -5.73 17.59
N GLY B 525 -23.27 -4.95 16.53
CA GLY B 525 -22.11 -4.50 15.79
C GLY B 525 -22.41 -3.34 14.87
N ASN B 526 -21.42 -2.45 14.76
CA ASN B 526 -21.34 -1.48 13.68
C ASN B 526 -19.88 -1.41 13.26
N SER B 527 -19.47 -0.30 12.63
CA SER B 527 -18.10 -0.18 12.15
C SER B 527 -17.08 0.00 13.27
N ALA B 528 -17.52 0.17 14.51
CA ALA B 528 -16.61 0.33 15.63
C ALA B 528 -16.26 -0.98 16.32
N GLY B 529 -17.05 -2.02 16.11
CA GLY B 529 -16.74 -3.31 16.71
C GLY B 529 -17.96 -4.16 16.88
N LEU B 530 -17.74 -5.34 17.45
CA LEU B 530 -18.79 -6.27 17.81
C LEU B 530 -18.77 -6.51 19.32
N LYS B 531 -19.95 -6.76 19.88
CA LYS B 531 -20.08 -7.21 21.27
C LYS B 531 -21.09 -8.34 21.31
N ARG B 532 -20.83 -9.33 22.16
CA ARG B 532 -21.70 -10.49 22.27
C ARG B 532 -22.03 -10.75 23.73
N GLU B 533 -23.32 -11.03 23.99
CA GLU B 533 -23.81 -11.45 25.29
C GLU B 533 -24.67 -12.68 25.09
N ASP B 534 -24.49 -13.68 25.94
CA ASP B 534 -25.21 -14.94 25.79
C ASP B 534 -26.03 -15.26 27.04
N VAL B 535 -26.99 -16.16 26.86
CA VAL B 535 -27.86 -16.64 27.93
C VAL B 535 -28.10 -18.12 27.71
N GLN B 536 -28.40 -18.83 28.80
CA GLN B 536 -28.70 -20.25 28.74
C GLN B 536 -30.20 -20.47 28.58
N LEU B 537 -30.55 -21.44 27.74
CA LEU B 537 -31.93 -21.89 27.57
C LEU B 537 -32.01 -23.33 28.04
N VAL B 538 -32.91 -23.60 28.98
CA VAL B 538 -33.07 -24.92 29.57
C VAL B 538 -34.50 -25.39 29.33
N VAL B 539 -34.63 -26.63 28.87
CA VAL B 539 -35.94 -27.20 28.57
C VAL B 539 -36.41 -28.08 29.73
C1 NAG C . -1.28 3.75 -39.58
C2 NAG C . -2.10 2.80 -40.46
C3 NAG C . -1.37 1.48 -40.65
C4 NAG C . 0.04 1.72 -41.16
C5 NAG C . 0.78 2.72 -40.25
C6 NAG C . 2.14 3.10 -40.78
C7 NAG C . -3.69 1.97 -38.74
C8 NAG C . -5.13 1.84 -38.36
N2 NAG C . -3.43 2.59 -39.90
O3 NAG C . -2.09 0.68 -41.59
O4 NAG C . 0.77 0.50 -41.17
O5 NAG C . 0.02 3.93 -40.15
O6 NAG C . 2.02 4.01 -41.88
O7 NAG C . -2.78 1.54 -38.02
C1 NAG D . -13.11 12.21 -46.08
C2 NAG D . -14.00 12.00 -47.31
C3 NAG D . -15.44 12.43 -47.01
C4 NAG D . -15.95 11.77 -45.72
C5 NAG D . -14.99 12.07 -44.59
C6 NAG D . -15.38 11.39 -43.29
C7 NAG D . -12.89 12.14 -49.49
C8 NAG D . -12.41 13.05 -50.57
N2 NAG D . -13.48 12.73 -48.45
O3 NAG D . -16.28 12.05 -48.10
O4 NAG D . -17.24 12.29 -45.40
O5 NAG D . -13.69 11.57 -44.94
O6 NAG D . -15.43 9.98 -43.45
O7 NAG D . -12.75 10.93 -49.55
C1 NAG E . 25.00 26.05 -0.05
C2 NAG E . 25.29 26.60 -1.43
C3 NAG E . 25.14 25.50 -2.48
C4 NAG E . 25.99 24.29 -2.12
C5 NAG E . 25.68 23.83 -0.69
C6 NAG E . 26.58 22.71 -0.22
C7 NAG E . 24.82 28.79 -2.43
C8 NAG E . 23.78 29.85 -2.66
N2 NAG E . 24.42 27.72 -1.74
O3 NAG E . 25.52 25.99 -3.76
O4 NAG E . 25.75 23.22 -3.02
O5 NAG E . 25.86 24.92 0.22
O6 NAG E . 27.94 23.00 -0.48
O7 NAG E . 25.97 28.89 -2.86
C1 NAG F . -13.32 -30.34 -42.36
C2 NAG F . -14.82 -30.28 -42.61
C3 NAG F . -15.41 -31.69 -42.59
C4 NAG F . -14.67 -32.60 -43.56
C5 NAG F . -13.17 -32.57 -43.24
C6 NAG F . -12.35 -33.38 -44.22
C7 NAG F . -16.23 -28.37 -42.00
C8 NAG F . -16.87 -27.61 -40.88
N2 NAG F . -15.50 -29.43 -41.65
O3 NAG F . -16.79 -31.64 -42.94
O4 NAG F . -15.15 -33.93 -43.45
O5 NAG F . -12.70 -31.22 -43.30
O6 NAG F . -12.27 -32.73 -45.48
O7 NAG F . -16.38 -28.04 -43.17
C1 NAG G . 1.95 14.23 -37.24
C2 NAG G . 1.87 14.82 -38.66
C3 NAG G . 1.96 13.71 -39.71
C4 NAG G . 3.17 12.81 -39.47
C5 NAG G . 3.14 12.27 -38.05
C6 NAG G . 4.37 11.47 -37.71
C7 NAG G . 0.60 16.93 -38.78
C8 NAG G . -0.76 17.54 -39.00
N2 NAG G . 0.65 15.59 -38.84
O3 NAG G . 2.06 14.28 -41.02
O4 NAG G . 3.14 11.73 -40.38
O5 NAG G . 3.10 13.36 -37.13
O6 NAG G . 4.18 10.72 -36.52
O7 NAG G . 1.59 17.61 -38.58
C1 NAG H . -13.83 17.68 -18.69
C2 NAG H . -15.24 17.09 -18.68
C3 NAG H . -15.95 17.41 -17.36
C4 NAG H . -15.09 16.98 -16.18
C5 NAG H . -13.72 17.62 -16.29
C6 NAG H . -12.77 17.18 -15.19
C7 NAG H . -16.54 16.77 -20.74
C8 NAG H . -17.31 17.46 -21.83
N2 NAG H . -16.01 17.58 -19.81
O3 NAG H . -17.20 16.73 -17.33
O4 NAG H . -15.71 17.40 -14.97
O5 NAG H . -13.11 17.24 -17.53
O6 NAG H . -11.62 18.01 -15.13
O7 NAG H . -16.40 15.56 -20.70
S SO4 I . 1.66 23.08 6.98
O1 SO4 I . 1.70 22.13 5.88
O2 SO4 I . 0.56 24.01 6.78
O3 SO4 I . 2.92 23.82 7.02
O4 SO4 I . 1.48 22.37 8.23
S SO4 J . 24.89 20.80 3.90
O1 SO4 J . 24.85 20.42 2.50
O2 SO4 J . 23.64 20.41 4.55
O3 SO4 J . 25.07 22.25 4.03
O4 SO4 J . 26.00 20.11 4.56
S SO4 K . -20.89 10.81 -23.36
O1 SO4 K . -21.27 11.35 -24.65
O2 SO4 K . -20.90 9.35 -23.42
O3 SO4 K . -19.55 11.26 -23.01
O4 SO4 K . -21.84 11.26 -22.34
S SO4 L . -6.67 7.13 -22.41
O1 SO4 L . -7.21 5.83 -22.07
O2 SO4 L . -7.42 7.71 -23.52
O3 SO4 L . -5.28 7.00 -22.80
O4 SO4 L . -6.77 8.01 -21.25
C1 NAG M . -40.19 -6.91 21.06
C2 NAG M . -40.15 -6.65 22.56
C3 NAG M . -40.96 -7.69 23.32
C4 NAG M . -42.38 -7.78 22.75
C5 NAG M . -42.31 -8.02 21.24
C6 NAG M . -43.68 -8.02 20.60
C7 NAG M . -38.33 -5.73 23.93
C8 NAG M . -36.90 -5.84 24.32
N2 NAG M . -38.77 -6.62 23.05
O3 NAG M . -41.02 -7.36 24.70
O4 NAG M . -43.10 -8.84 23.37
O5 NAG M . -41.56 -6.98 20.62
O6 NAG M . -44.67 -8.58 21.46
O7 NAG M . -39.07 -4.86 24.40
C1 NAG N . -12.75 11.22 3.44
C2 NAG N . -14.16 11.63 3.87
C3 NAG N . -15.20 10.69 3.28
C4 NAG N . -15.03 10.58 1.77
C5 NAG N . -13.60 10.17 1.44
C6 NAG N . -13.32 10.13 -0.04
C7 NAG N . -14.14 10.65 6.15
C8 NAG N . -14.31 10.94 7.60
N2 NAG N . -14.28 11.71 5.32
O3 NAG N . -16.51 11.16 3.60
O4 NAG N . -15.93 9.61 1.25
O5 NAG N . -12.68 11.12 2.01
O6 NAG N . -13.11 11.42 -0.57
O7 NAG N . -13.90 9.52 5.73
C1 NAG O . 1.95 12.52 -0.74
C2 NAG O . 2.16 13.71 -1.69
C3 NAG O . 1.88 13.30 -3.13
C4 NAG O . 2.71 12.07 -3.50
C5 NAG O . 2.44 10.96 -2.50
C6 NAG O . 3.27 9.72 -2.73
C7 NAG O . 1.64 15.73 -0.38
C8 NAG O . 0.64 16.82 -0.11
N2 NAG O . 1.30 14.83 -1.30
O3 NAG O . 2.21 14.39 -4.00
O4 NAG O . 2.36 11.62 -4.80
O5 NAG O . 2.75 11.42 -1.17
O6 NAG O . 3.04 8.75 -1.73
O7 NAG O . 2.70 15.67 0.23
C1 NAG P . -11.34 26.39 8.88
C2 NAG P . -12.27 27.61 8.93
C3 NAG P . -11.84 28.54 10.06
C4 NAG P . -11.75 27.77 11.38
C5 NAG P . -10.87 26.54 11.22
C6 NAG P . -10.87 25.65 12.45
C7 NAG P . -13.35 28.39 6.87
C8 NAG P . -13.18 29.16 5.59
N2 NAG P . -12.27 28.31 7.66
O3 NAG P . -12.80 29.58 10.19
O4 NAG P . -11.19 28.62 12.38
O5 NAG P . -11.34 25.73 10.14
O6 NAG P . -11.95 24.73 12.41
O7 NAG P . -14.41 27.86 7.17
C1 NAG Q . 36.13 -12.86 10.19
C2 NAG Q . 36.79 -11.86 9.28
C3 NAG Q . 35.73 -11.02 8.58
C4 NAG Q . 34.71 -11.92 7.90
C5 NAG Q . 34.23 -13.06 8.82
C6 NAG Q . 33.42 -14.11 8.10
C7 NAG Q . 39.04 -11.17 9.96
C8 NAG Q . 39.85 -10.22 10.80
N2 NAG Q . 37.71 -11.00 10.02
O3 NAG Q . 36.34 -10.16 7.63
O4 NAG Q . 33.58 -11.15 7.50
O5 NAG Q . 35.34 -13.74 9.43
O6 NAG Q . 34.26 -15.06 7.46
O7 NAG Q . 39.57 -12.04 9.28
C1 NAG R . 6.28 11.21 23.57
C2 NAG R . 5.39 10.86 24.75
C3 NAG R . 6.21 10.76 26.03
C4 NAG R . 7.37 9.80 25.85
C5 NAG R . 8.19 10.20 24.62
C6 NAG R . 9.30 9.22 24.31
C7 NAG R . 4.45 13.12 25.12
C8 NAG R . 3.18 13.91 25.27
N2 NAG R . 4.29 11.80 24.90
O3 NAG R . 5.37 10.33 27.10
O4 NAG R . 8.21 9.83 27.00
O5 NAG R . 7.34 10.25 23.46
O6 NAG R . 10.39 9.86 23.64
O7 NAG R . 5.56 13.64 25.20
S SO4 S . -2.20 4.13 16.75
O1 SO4 S . -3.07 3.11 17.34
O2 SO4 S . -2.31 4.08 15.30
O3 SO4 S . -0.82 3.85 17.14
O4 SO4 S . -2.59 5.45 17.23
S SO4 T . -2.97 14.17 27.50
O1 SO4 T . -2.81 14.82 26.20
O2 SO4 T . -4.24 13.45 27.54
O3 SO4 T . -2.95 15.18 28.55
O4 SO4 T . -1.88 13.23 27.71
S SO4 U . 31.87 -19.43 11.02
O1 SO4 U . 31.35 -18.59 9.94
O2 SO4 U . 32.27 -20.73 10.50
O3 SO4 U . 33.03 -18.77 11.61
O4 SO4 U . 30.84 -19.62 12.04
#